data_4CFH
#
_entry.id   4CFH
#
_cell.length_a   133.917
_cell.length_b   133.917
_cell.length_c   141.896
_cell.angle_alpha   90.00
_cell.angle_beta   90.00
_cell.angle_gamma   90.00
#
_symmetry.space_group_name_H-M   'P 41 21 2'
#
loop_
_entity.id
_entity.type
_entity.pdbx_description
1 polymer "5'-AMP-ACTIVATED PROTEIN KINASE CATALYTIC SUBUNIT ALPHA-1"
2 polymer "5'-AMP-ACTIVATED PROTEIN KINASE SUBUNIT BETA-2"
3 polymer "5'-AMP-ACTIVATED PROTEIN KINASE CATALYTIC SUBUNIT ALPHA-1"
4 polymer "5'-AMP-ACTIVATED PROTEIN KINASE SUBUNIT GAMMA-1"
5 non-polymer STAUROSPORINE
6 non-polymer 'ADENOSINE MONOPHOSPHATE'
#
loop_
_entity_poly.entity_id
_entity_poly.type
_entity_poly.pdbx_seq_one_letter_code
_entity_poly.pdbx_strand_id
1 'polypeptide(L)'
;MSHHHHHHSSGLEVLFQGPMAEKQKHDGRVKIGHYILGDTLGVGTFGKVKVGKHELTGHKVAVKILNRQKIRSLDVVGKI
RREIQNLKLFRHPHIIKLYQVISTPSDIFMVMEYVSGGELFDYICKNGRLDEKESRRLFQQILSGVDYCHRHMVVHRDLK
PENVLLDAHMNAKIADFGLSNMMSDGEFLR(TPO)SCGSPNYAAPEVISGRLYAGPEVDIWSSGVILYALLCGTLPFDDD
HVPTLFKKICDGIFYTPQYLNPSVISLLKHMLQVDPMKRATIKDIREHEWFKQDLPKYLFPEDPSYSSTMIDDEALKEVC
EKFECSEEEVLSCLYNRNHQDPLAVAYHLIIDNRRIMNEAKDFYLATSPPDSFLDDHHLTRPHPERVPFLVAETPRARH
(TPO)LDELNPQKSKHQGVRKAKWHLGIRSQSRPNDIMAEVCRAIKQLDYEWKVVNPYYLRVRRKNPVTSTFSKMSLQLY
QVDSRTYLLDFRSIDDEILEVL
;
A
2 'polypeptide(L)'
;MGPYGQEMYAFRSEERFKSPPILPPHLLQVILNKDTNISCDPALLPEPNHVMLNHLYALSIKDSVMVLSATHRYKKKYVT
TLLYKPI
;
B
3 'polypeptide(L)' FQVAPRPGSHTIEFFEMCANLIKILAQ C
4 'polypeptide(L)'
;MESVAAESAPAPENEHSQETPESNSSVYTTFMKSHRCYDLIPTSSKLVVFDTSLQVKKAFFALVTNGVRAAPLWDSKKQS
FVGMLTITDFINILHRYYKSALVQIYELEEHKIETWREVYLQDSFKPLVCISPNASLFDAVSSLIRNKIHRLPVIDPESG
NTLYILTHKRILKFLKLFITEFPKPEFMSKSLEELQIGTYANIAMVRTTTPVYVALGIFVQHRVSALPVVDEKGRVVDIY
SKFDVINLAAEKTYNNLDVSVTKALQHRSHYFEGVLKCYLHETLEAIINRLVEAEVHRLVVVDEHDVVKGIVSLSDILQA
LVLTGGEKKP
;
E
#
# COMPACT_ATOMS: atom_id res chain seq x y z
N ARG A 29 43.12 -1.27 -36.26
CA ARG A 29 41.92 -1.78 -35.59
C ARG A 29 42.12 -1.86 -34.08
N VAL A 30 41.10 -1.46 -33.33
CA VAL A 30 41.15 -1.55 -31.88
C VAL A 30 40.32 -2.73 -31.38
N LYS A 31 40.94 -3.58 -30.56
CA LYS A 31 40.27 -4.76 -30.03
C LYS A 31 40.04 -4.65 -28.53
N ILE A 32 38.94 -5.23 -28.07
CA ILE A 32 38.66 -5.34 -26.65
C ILE A 32 38.70 -6.81 -26.29
N GLY A 33 39.77 -7.22 -25.60
CA GLY A 33 39.99 -8.62 -25.31
C GLY A 33 40.18 -9.40 -26.60
N HIS A 34 39.18 -10.20 -26.96
CA HIS A 34 39.22 -10.95 -28.21
C HIS A 34 38.15 -10.46 -29.16
N TYR A 35 37.58 -9.30 -28.84
CA TYR A 35 36.57 -8.68 -29.69
C TYR A 35 37.14 -7.56 -30.53
N ILE A 36 37.35 -7.83 -31.82
CA ILE A 36 37.80 -6.79 -32.75
C ILE A 36 36.62 -6.00 -33.27
N LEU A 37 36.70 -4.67 -33.15
CA LEU A 37 35.60 -3.79 -33.57
C LEU A 37 35.64 -3.53 -35.06
N GLY A 38 34.48 -3.55 -35.69
CA GLY A 38 34.37 -3.35 -37.13
C GLY A 38 33.36 -2.32 -37.53
N ASP A 39 32.33 -2.77 -38.25
CA ASP A 39 31.33 -1.86 -38.83
C ASP A 39 30.60 -1.00 -37.81
N THR A 40 30.73 0.32 -37.97
CA THR A 40 30.00 1.27 -37.16
C THR A 40 28.53 1.20 -37.54
N LEU A 41 27.66 1.05 -36.54
CA LEU A 41 26.24 0.91 -36.81
C LEU A 41 25.38 1.74 -35.87
N GLY A 42 26.00 2.49 -34.97
CA GLY A 42 25.27 3.24 -33.97
C GLY A 42 25.46 4.75 -33.96
N VAL A 43 24.36 5.47 -34.04
CA VAL A 43 24.35 6.92 -33.89
C VAL A 43 24.77 7.29 -32.47
N GLY A 44 24.21 6.57 -31.50
CA GLY A 44 24.51 6.75 -30.11
C GLY A 44 23.72 7.90 -29.52
N THR A 45 23.80 8.07 -28.20
CA THR A 45 23.25 9.25 -27.56
C THR A 45 24.22 10.40 -27.83
N PHE A 46 25.44 10.03 -28.18
CA PHE A 46 26.48 10.95 -28.63
C PHE A 46 27.67 10.12 -29.12
N GLY A 47 27.84 8.96 -28.51
CA GLY A 47 29.00 8.11 -28.75
C GLY A 47 28.71 6.94 -29.66
N LYS A 48 29.62 6.69 -30.60
CA LYS A 48 29.44 5.66 -31.62
C LYS A 48 29.22 4.27 -31.03
N VAL A 49 28.39 3.48 -31.71
CA VAL A 49 28.21 2.07 -31.38
C VAL A 49 28.69 1.23 -32.55
N LYS A 50 29.61 0.31 -32.27
CA LYS A 50 30.15 -0.57 -33.30
C LYS A 50 29.80 -2.02 -33.01
N VAL A 51 30.03 -2.88 -34.00
CA VAL A 51 29.84 -4.31 -33.82
C VAL A 51 31.16 -4.93 -33.38
N GLY A 52 31.10 -5.76 -32.35
CA GLY A 52 32.27 -6.50 -31.91
C GLY A 52 32.24 -7.91 -32.46
N LYS A 53 33.38 -8.40 -32.91
CA LYS A 53 33.48 -9.75 -33.45
C LYS A 53 34.56 -10.54 -32.71
N HIS A 54 34.17 -11.65 -32.10
CA HIS A 54 35.12 -12.47 -31.36
C HIS A 54 36.13 -13.11 -32.31
N GLU A 55 37.40 -12.73 -32.16
CA GLU A 55 38.45 -13.17 -33.06
C GLU A 55 38.62 -14.70 -33.09
N LEU A 56 38.13 -15.37 -32.05
CA LEU A 56 38.26 -16.81 -31.94
C LEU A 56 37.04 -17.56 -32.46
N THR A 57 35.86 -16.96 -32.31
CA THR A 57 34.61 -17.66 -32.62
C THR A 57 33.61 -16.84 -33.43
N GLY A 58 33.98 -15.61 -33.76
CA GLY A 58 33.12 -14.76 -34.57
C GLY A 58 31.83 -14.34 -33.90
N HIS A 59 31.74 -14.55 -32.59
CA HIS A 59 30.57 -14.14 -31.82
C HIS A 59 30.40 -12.63 -31.91
N LYS A 60 29.17 -12.19 -32.21
CA LYS A 60 28.92 -10.77 -32.39
C LYS A 60 28.31 -10.10 -31.16
N VAL A 61 28.93 -9.00 -30.74
CA VAL A 61 28.41 -8.18 -29.66
C VAL A 61 28.27 -6.74 -30.14
N ALA A 62 27.51 -5.95 -29.39
CA ALA A 62 27.37 -4.53 -29.69
C ALA A 62 28.09 -3.69 -28.65
N VAL A 63 29.01 -2.85 -29.11
CA VAL A 63 29.84 -2.07 -28.21
C VAL A 63 29.55 -0.57 -28.31
N LYS A 64 29.14 0.02 -27.20
CA LYS A 64 28.92 1.47 -27.11
C LYS A 64 30.20 2.13 -26.62
N ILE A 65 30.78 2.99 -27.46
CA ILE A 65 32.08 3.58 -27.19
C ILE A 65 31.97 5.01 -26.66
N LEU A 66 32.57 5.24 -25.50
CA LEU A 66 32.52 6.55 -24.86
C LEU A 66 33.91 6.96 -24.42
N ASN A 67 34.59 7.75 -25.25
CA ASN A 67 35.92 8.22 -24.91
C ASN A 67 35.86 9.29 -23.83
N ARG A 68 36.84 9.28 -22.94
CA ARG A 68 36.86 10.21 -21.82
C ARG A 68 37.09 11.65 -22.26
N GLN A 69 37.66 11.82 -23.45
CA GLN A 69 37.92 13.15 -24.00
C GLN A 69 36.63 13.93 -24.24
N LYS A 70 35.57 13.22 -24.60
CA LYS A 70 34.30 13.86 -24.94
C LYS A 70 33.36 14.03 -23.75
N ILE A 71 33.13 12.95 -23.01
CA ILE A 71 32.18 12.98 -21.90
C ILE A 71 32.60 13.93 -20.80
N ARG A 72 33.89 13.96 -20.49
CA ARG A 72 34.40 14.81 -19.42
C ARG A 72 34.17 16.29 -19.71
N SER A 73 34.16 16.65 -20.99
CA SER A 73 33.95 18.02 -21.41
C SER A 73 32.59 18.56 -20.95
N LEU A 74 31.62 17.66 -20.81
CA LEU A 74 30.30 18.02 -20.34
C LEU A 74 30.15 17.70 -18.86
N ASP A 75 28.92 17.69 -18.37
CA ASP A 75 28.64 17.26 -17.01
C ASP A 75 27.76 16.02 -17.05
N VAL A 76 28.06 15.15 -18.01
CA VAL A 76 27.30 13.92 -18.23
C VAL A 76 27.95 12.72 -17.54
N VAL A 77 28.85 13.00 -16.60
CA VAL A 77 29.55 11.95 -15.86
C VAL A 77 28.57 11.09 -15.07
N GLY A 78 27.57 11.73 -14.48
CA GLY A 78 26.56 11.03 -13.71
C GLY A 78 25.43 10.52 -14.58
N LYS A 79 25.26 11.14 -15.75
CA LYS A 79 24.21 10.77 -16.69
C LYS A 79 24.44 9.38 -17.26
N ILE A 80 25.65 9.13 -17.76
CA ILE A 80 25.98 7.81 -18.28
C ILE A 80 26.22 6.82 -17.14
N ARG A 81 26.62 7.34 -15.98
CA ARG A 81 26.68 6.53 -14.77
C ARG A 81 25.28 6.04 -14.44
N ARG A 82 24.30 6.92 -14.60
CA ARG A 82 22.91 6.60 -14.37
C ARG A 82 22.40 5.54 -15.35
N GLU A 83 22.81 5.68 -16.61
CA GLU A 83 22.40 4.73 -17.64
C GLU A 83 22.92 3.33 -17.33
N ILE A 84 24.21 3.25 -17.02
CA ILE A 84 24.84 1.97 -16.70
C ILE A 84 24.25 1.35 -15.44
N GLN A 85 23.98 2.18 -14.43
CA GLN A 85 23.38 1.71 -13.19
C GLN A 85 22.05 1.00 -13.41
N ASN A 86 21.19 1.61 -14.22
CA ASN A 86 19.88 1.04 -14.52
C ASN A 86 19.98 -0.26 -15.29
N LEU A 87 20.82 -0.26 -16.33
CA LEU A 87 20.91 -1.36 -17.27
C LEU A 87 21.69 -2.54 -16.69
N LYS A 88 22.51 -2.28 -15.67
CA LYS A 88 23.42 -3.29 -15.13
C LYS A 88 22.70 -4.51 -14.56
N LEU A 89 21.55 -4.30 -13.93
CA LEU A 89 20.84 -5.39 -13.28
C LEU A 89 19.60 -5.84 -14.05
N PHE A 90 19.47 -5.38 -15.29
CA PHE A 90 18.34 -5.79 -16.12
C PHE A 90 18.60 -7.12 -16.80
N ARG A 91 17.57 -7.96 -16.84
CA ARG A 91 17.65 -9.23 -17.56
C ARG A 91 16.26 -9.62 -18.04
N HIS A 92 15.95 -9.22 -19.28
CA HIS A 92 14.62 -9.44 -19.84
C HIS A 92 14.74 -9.81 -21.31
N PRO A 93 13.88 -10.72 -21.78
CA PRO A 93 13.86 -11.23 -23.16
C PRO A 93 13.76 -10.13 -24.22
N HIS A 94 13.21 -8.99 -23.86
CA HIS A 94 12.97 -7.93 -24.84
C HIS A 94 13.67 -6.63 -24.48
N ILE A 95 14.74 -6.74 -23.71
CA ILE A 95 15.61 -5.61 -23.41
C ILE A 95 17.05 -6.02 -23.68
N ILE A 96 17.75 -5.20 -24.47
CA ILE A 96 19.15 -5.47 -24.78
C ILE A 96 19.98 -5.58 -23.51
N LYS A 97 20.67 -6.70 -23.36
CA LYS A 97 21.46 -6.97 -22.15
C LYS A 97 22.78 -6.21 -22.19
N LEU A 98 23.21 -5.74 -21.02
CA LEU A 98 24.54 -5.16 -20.87
C LEU A 98 25.45 -6.23 -20.29
N TYR A 99 26.27 -6.84 -21.14
CA TYR A 99 27.15 -7.92 -20.71
C TYR A 99 28.25 -7.40 -19.79
N GLN A 100 28.99 -6.40 -20.26
CA GLN A 100 30.11 -5.87 -19.49
C GLN A 100 30.34 -4.38 -19.71
N VAL A 101 31.22 -3.81 -18.91
CA VAL A 101 31.66 -2.43 -19.09
C VAL A 101 33.16 -2.31 -18.77
N ILE A 102 33.96 -2.13 -19.82
CA ILE A 102 35.41 -2.12 -19.69
C ILE A 102 35.97 -0.71 -19.86
N SER A 103 36.84 -0.31 -18.95
CA SER A 103 37.46 1.01 -19.01
C SER A 103 38.93 0.95 -19.42
N THR A 104 39.34 1.91 -20.22
CA THR A 104 40.75 2.11 -20.54
C THR A 104 41.12 3.49 -20.01
N PRO A 105 42.42 3.82 -19.99
CA PRO A 105 42.74 5.20 -19.57
C PRO A 105 42.22 6.26 -20.55
N SER A 106 41.74 5.82 -21.72
CA SER A 106 41.30 6.74 -22.76
C SER A 106 39.79 6.71 -23.01
N ASP A 107 39.20 5.52 -22.99
CA ASP A 107 37.79 5.37 -23.33
C ASP A 107 37.04 4.35 -22.46
N ILE A 108 35.71 4.38 -22.54
CA ILE A 108 34.86 3.43 -21.82
C ILE A 108 34.00 2.63 -22.80
N PHE A 109 34.03 1.31 -22.67
CA PHE A 109 33.32 0.43 -23.59
C PHE A 109 32.15 -0.30 -22.94
N MET A 110 30.94 -0.06 -23.46
CA MET A 110 29.76 -0.79 -23.00
C MET A 110 29.46 -1.95 -23.93
N VAL A 111 29.79 -3.16 -23.49
CA VAL A 111 29.59 -4.37 -24.29
C VAL A 111 28.17 -4.91 -24.12
N MET A 112 27.38 -4.85 -25.18
CA MET A 112 25.99 -5.26 -25.13
C MET A 112 25.67 -6.38 -26.10
N GLU A 113 24.46 -6.92 -25.97
CA GLU A 113 23.97 -7.98 -26.85
C GLU A 113 23.68 -7.44 -28.25
N TYR A 114 24.21 -8.11 -29.26
CA TYR A 114 23.99 -7.70 -30.64
C TYR A 114 22.81 -8.43 -31.29
N VAL A 115 21.99 -7.66 -32.00
CA VAL A 115 20.87 -8.21 -32.75
C VAL A 115 20.86 -7.63 -34.17
N SER A 116 20.61 -8.48 -35.15
CA SER A 116 20.59 -8.05 -36.55
C SER A 116 19.17 -7.81 -37.05
N GLY A 117 18.96 -6.71 -37.76
CA GLY A 117 17.65 -6.36 -38.26
C GLY A 117 17.38 -4.89 -38.05
N GLY A 118 18.10 -4.29 -37.11
CA GLY A 118 17.99 -2.87 -36.84
C GLY A 118 16.70 -2.50 -36.16
N GLU A 119 16.31 -1.23 -36.29
CA GLU A 119 15.08 -0.74 -35.68
C GLU A 119 13.88 -1.31 -36.41
N LEU A 120 12.73 -1.34 -35.74
CA LEU A 120 11.50 -1.71 -36.42
C LEU A 120 10.96 -0.48 -37.15
N PHE A 121 11.66 0.63 -36.98
CA PHE A 121 11.40 1.84 -37.75
C PHE A 121 11.67 1.54 -39.22
N ASP A 122 12.58 0.61 -39.46
CA ASP A 122 12.88 0.15 -40.81
C ASP A 122 12.05 -1.08 -41.16
N TYR A 123 11.33 -1.60 -40.16
CA TYR A 123 10.36 -2.68 -40.39
C TYR A 123 9.08 -2.05 -40.93
N ILE A 124 8.92 -0.75 -40.67
CA ILE A 124 7.94 0.06 -41.39
C ILE A 124 8.67 0.50 -42.66
N CYS A 125 8.07 1.38 -43.45
CA CYS A 125 8.59 1.70 -44.79
C CYS A 125 8.63 0.43 -45.63
N LYS A 126 9.50 -0.51 -45.24
CA LYS A 126 9.41 -1.88 -45.72
C LYS A 126 8.09 -2.43 -45.19
N ASN A 127 7.51 -3.39 -45.91
CA ASN A 127 6.17 -3.89 -45.60
C ASN A 127 5.10 -2.81 -45.66
N GLY A 128 3.84 -3.20 -45.48
CA GLY A 128 2.74 -2.26 -45.49
C GLY A 128 2.07 -2.18 -44.13
N ARG A 129 2.49 -1.20 -43.35
CA ARG A 129 2.08 -1.08 -41.94
C ARG A 129 2.33 -2.42 -41.25
N LEU A 130 1.44 -2.79 -40.34
CA LEU A 130 1.47 -4.12 -39.76
C LEU A 130 0.05 -4.60 -39.49
N ASP A 131 -0.16 -5.90 -39.60
CA ASP A 131 -1.45 -6.50 -39.33
C ASP A 131 -1.78 -6.37 -37.85
N GLU A 132 -3.03 -6.61 -37.48
CA GLU A 132 -3.40 -6.70 -36.08
C GLU A 132 -2.67 -7.88 -35.46
N LYS A 133 -2.39 -8.89 -36.28
CA LYS A 133 -1.63 -10.05 -35.83
C LYS A 133 -0.21 -9.66 -35.43
N GLU A 134 0.44 -8.86 -36.27
CA GLU A 134 1.85 -8.58 -36.11
C GLU A 134 2.15 -7.36 -35.22
N SER A 135 1.43 -6.27 -35.46
CA SER A 135 1.64 -5.04 -34.71
C SER A 135 1.37 -5.23 -33.22
N ARG A 136 0.42 -6.11 -32.91
CA ARG A 136 0.08 -6.41 -31.53
C ARG A 136 1.15 -7.26 -30.86
N ARG A 137 1.66 -8.25 -31.59
CA ARG A 137 2.69 -9.14 -31.09
C ARG A 137 3.92 -8.37 -30.64
N LEU A 138 4.34 -7.40 -31.45
CA LEU A 138 5.47 -6.55 -31.11
C LEU A 138 5.14 -5.64 -29.94
N PHE A 139 3.95 -5.04 -29.98
CA PHE A 139 3.48 -4.17 -28.92
C PHE A 139 3.46 -4.89 -27.58
N GLN A 140 3.10 -6.17 -27.61
CA GLN A 140 3.07 -6.99 -26.40
C GLN A 140 4.47 -7.14 -25.82
N GLN A 141 5.41 -7.55 -26.65
CA GLN A 141 6.78 -7.77 -26.22
C GLN A 141 7.42 -6.47 -25.75
N ILE A 142 7.22 -5.39 -26.50
CA ILE A 142 7.74 -4.09 -26.14
C ILE A 142 7.21 -3.65 -24.78
N LEU A 143 5.90 -3.77 -24.60
CA LEU A 143 5.26 -3.39 -23.35
C LEU A 143 5.77 -4.22 -22.18
N SER A 144 6.02 -5.50 -22.44
CA SER A 144 6.54 -6.41 -21.43
C SER A 144 7.84 -5.88 -20.83
N GLY A 145 8.69 -5.32 -21.69
CA GLY A 145 9.95 -4.76 -21.25
C GLY A 145 9.75 -3.46 -20.52
N VAL A 146 8.81 -2.65 -21.01
CA VAL A 146 8.46 -1.39 -20.35
C VAL A 146 8.00 -1.67 -18.93
N ASP A 147 7.14 -2.67 -18.78
CA ASP A 147 6.68 -3.12 -17.47
C ASP A 147 7.86 -3.50 -16.59
N TYR A 148 8.76 -4.32 -17.15
CA TYR A 148 9.94 -4.78 -16.43
C TYR A 148 10.79 -3.61 -15.92
N CYS A 149 10.88 -2.57 -16.74
CA CYS A 149 11.65 -1.38 -16.35
C CYS A 149 11.01 -0.67 -15.18
N HIS A 150 9.69 -0.48 -15.26
CA HIS A 150 8.95 0.24 -14.24
C HIS A 150 8.90 -0.53 -12.93
N ARG A 151 8.89 -1.86 -13.02
CA ARG A 151 8.92 -2.71 -11.84
C ARG A 151 10.24 -2.55 -11.10
N HIS A 152 11.28 -2.18 -11.83
CA HIS A 152 12.59 -1.95 -11.24
C HIS A 152 12.83 -0.48 -10.99
N MET A 153 11.74 0.28 -10.95
CA MET A 153 11.80 1.72 -10.68
C MET A 153 12.66 2.47 -11.70
N VAL A 154 12.64 1.99 -12.94
CA VAL A 154 13.42 2.62 -14.00
C VAL A 154 12.52 3.05 -15.15
N VAL A 155 12.34 4.35 -15.29
CA VAL A 155 11.60 4.87 -16.43
C VAL A 155 12.59 5.07 -17.59
N HIS A 156 12.10 4.95 -18.81
CA HIS A 156 12.95 5.08 -19.99
C HIS A 156 12.42 6.16 -20.92
N ARG A 157 12.94 7.37 -20.79
CA ARG A 157 12.54 8.43 -21.71
C ARG A 157 13.16 8.15 -23.08
N ASP A 158 12.65 8.81 -24.12
CA ASP A 158 13.06 8.55 -25.51
C ASP A 158 12.72 7.12 -25.93
N LEU A 159 11.48 6.73 -25.69
CA LEU A 159 11.00 5.39 -26.03
C LEU A 159 10.34 5.42 -27.41
N LYS A 160 11.15 5.34 -28.45
CA LYS A 160 10.65 5.46 -29.83
C LYS A 160 11.06 4.24 -30.66
N PRO A 161 10.35 4.00 -31.79
CA PRO A 161 10.67 2.91 -32.72
C PRO A 161 12.14 2.84 -33.19
N GLU A 162 12.89 3.92 -33.01
CA GLU A 162 14.32 3.89 -33.34
C GLU A 162 15.14 3.26 -32.21
N ASN A 163 14.57 3.22 -31.01
CA ASN A 163 15.25 2.61 -29.87
C ASN A 163 14.79 1.17 -29.64
N VAL A 164 13.89 0.70 -30.49
CA VAL A 164 13.42 -0.67 -30.44
C VAL A 164 14.04 -1.46 -31.59
N LEU A 165 14.88 -2.44 -31.25
CA LEU A 165 15.59 -3.20 -32.25
C LEU A 165 15.03 -4.62 -32.38
N LEU A 166 15.29 -5.24 -33.53
CA LEU A 166 14.78 -6.58 -33.82
C LEU A 166 15.92 -7.56 -34.04
N ASP A 167 15.78 -8.77 -33.51
CA ASP A 167 16.77 -9.81 -33.77
C ASP A 167 16.43 -10.57 -35.04
N ALA A 168 17.14 -11.66 -35.29
CA ALA A 168 16.93 -12.46 -36.49
C ALA A 168 15.53 -13.05 -36.52
N HIS A 169 15.01 -13.36 -35.34
CA HIS A 169 13.69 -13.97 -35.23
C HIS A 169 12.62 -12.90 -35.00
N MET A 170 12.85 -11.72 -35.56
CA MET A 170 11.98 -10.55 -35.43
C MET A 170 11.35 -10.33 -34.04
N ASN A 171 12.19 -10.34 -33.00
CA ASN A 171 11.75 -10.03 -31.64
C ASN A 171 12.24 -8.66 -31.19
N ALA A 172 11.32 -7.85 -30.68
CA ALA A 172 11.62 -6.48 -30.30
C ALA A 172 12.48 -6.42 -29.04
N LYS A 173 13.54 -5.61 -29.08
CA LYS A 173 14.41 -5.43 -27.93
C LYS A 173 14.71 -3.96 -27.67
N ILE A 174 14.24 -3.46 -26.52
CA ILE A 174 14.41 -2.07 -26.12
C ILE A 174 15.89 -1.77 -25.87
N ALA A 175 16.37 -0.63 -26.38
CA ALA A 175 17.81 -0.39 -26.47
C ALA A 175 18.37 0.78 -25.67
N ASP A 176 18.23 2.00 -26.19
CA ASP A 176 18.98 3.13 -25.67
C ASP A 176 18.39 3.73 -24.40
N PHE A 177 19.11 3.58 -23.29
CA PHE A 177 18.66 4.09 -21.99
C PHE A 177 19.43 5.34 -21.58
N GLY A 178 19.89 6.10 -22.56
CA GLY A 178 20.65 7.31 -22.30
C GLY A 178 19.86 8.36 -21.55
N LEU A 179 18.54 8.38 -21.77
CA LEU A 179 17.68 9.39 -21.18
C LEU A 179 16.81 8.82 -20.07
N SER A 180 17.07 7.56 -19.74
CA SER A 180 16.36 6.89 -18.66
C SER A 180 16.68 7.55 -17.32
N ASN A 181 15.85 7.24 -16.32
CA ASN A 181 16.08 7.76 -14.97
C ASN A 181 15.41 6.85 -13.94
N MET A 182 16.10 6.63 -12.82
CA MET A 182 15.57 5.75 -11.79
C MET A 182 14.53 6.49 -10.95
N MET A 183 13.33 5.95 -10.89
CA MET A 183 12.24 6.54 -10.12
C MET A 183 12.44 6.33 -8.62
N SER A 184 12.28 7.38 -7.84
CA SER A 184 12.38 7.29 -6.39
C SER A 184 11.04 7.62 -5.78
N ASP A 185 10.64 6.88 -4.75
CA ASP A 185 9.31 7.04 -4.16
C ASP A 185 9.15 8.39 -3.47
N GLY A 186 8.07 9.08 -3.81
CA GLY A 186 7.77 10.38 -3.24
C GLY A 186 8.37 11.50 -4.06
N GLU A 187 9.00 11.15 -5.18
CA GLU A 187 9.72 12.13 -5.98
C GLU A 187 9.30 12.11 -7.45
N PHE A 188 9.16 13.30 -8.02
CA PHE A 188 8.82 13.47 -9.44
C PHE A 188 10.08 13.78 -10.24
N LEU A 189 9.95 13.93 -11.56
CA LEU A 189 11.14 13.93 -12.41
C LEU A 189 11.44 15.23 -13.19
N ARG A 190 10.51 15.63 -14.06
CA ARG A 190 10.70 16.77 -14.99
C ARG A 190 11.77 16.48 -16.06
N SER A 192 12.41 16.63 -18.99
CA SER A 192 11.86 16.75 -20.34
C SER A 192 12.96 16.49 -21.37
N CYS A 193 13.20 15.24 -21.73
CA CYS A 193 14.36 14.90 -22.55
C CYS A 193 14.04 14.13 -23.82
N GLY A 194 12.79 13.68 -23.96
CA GLY A 194 12.38 12.85 -25.07
C GLY A 194 12.51 13.47 -26.45
N SER A 195 11.98 12.78 -27.45
CA SER A 195 12.00 13.25 -28.83
C SER A 195 10.94 14.35 -29.00
N PRO A 196 10.99 15.10 -30.13
CA PRO A 196 9.92 16.07 -30.41
C PRO A 196 8.56 15.38 -30.46
N ASN A 197 8.47 14.28 -31.20
CA ASN A 197 7.30 13.42 -31.11
C ASN A 197 7.54 12.41 -30.00
N TYR A 198 6.59 11.50 -29.79
CA TYR A 198 6.69 10.46 -28.76
C TYR A 198 6.74 10.99 -27.33
N ALA A 199 6.81 12.32 -27.17
CA ALA A 199 6.91 12.91 -25.84
C ALA A 199 5.54 13.35 -25.31
N ALA A 200 5.26 12.97 -24.08
CA ALA A 200 3.99 13.31 -23.43
C ALA A 200 3.84 14.82 -23.28
N PRO A 201 2.59 15.32 -23.29
CA PRO A 201 2.34 16.76 -23.19
C PRO A 201 2.90 17.40 -21.92
N GLU A 202 2.84 16.68 -20.79
CA GLU A 202 3.37 17.21 -19.53
C GLU A 202 4.88 17.36 -19.59
N VAL A 203 5.50 16.61 -20.50
CA VAL A 203 6.94 16.69 -20.70
C VAL A 203 7.30 17.90 -21.56
N ILE A 204 6.62 18.05 -22.69
CA ILE A 204 6.89 19.17 -23.58
C ILE A 204 6.53 20.51 -22.92
N SER A 205 5.60 20.48 -21.97
CA SER A 205 5.20 21.68 -21.26
C SER A 205 6.08 21.91 -20.03
N GLY A 206 7.14 21.11 -19.93
CA GLY A 206 8.13 21.27 -18.88
C GLY A 206 7.57 21.14 -17.48
N ARG A 207 6.58 20.25 -17.32
CA ARG A 207 5.96 20.04 -16.02
C ARG A 207 6.44 18.74 -15.41
N LEU A 208 6.55 18.70 -14.09
CA LEU A 208 7.02 17.51 -13.40
C LEU A 208 6.02 16.35 -13.44
N TYR A 209 6.55 15.13 -13.47
CA TYR A 209 5.72 13.94 -13.61
C TYR A 209 6.25 12.79 -12.77
N ALA A 210 5.47 11.73 -12.65
CA ALA A 210 5.85 10.56 -11.88
C ALA A 210 6.91 9.73 -12.61
N GLY A 211 6.65 9.42 -13.88
CA GLY A 211 7.56 8.62 -14.68
C GLY A 211 6.88 7.72 -15.69
N PRO A 212 6.15 6.69 -15.22
CA PRO A 212 5.50 5.69 -16.08
C PRO A 212 4.51 6.26 -17.09
N GLU A 213 3.69 7.22 -16.68
CA GLU A 213 2.68 7.79 -17.57
C GLU A 213 3.30 8.41 -18.82
N VAL A 214 4.49 8.98 -18.65
CA VAL A 214 5.26 9.51 -19.77
C VAL A 214 5.66 8.39 -20.72
N ASP A 215 6.00 7.24 -20.14
CA ASP A 215 6.35 6.07 -20.95
C ASP A 215 5.14 5.49 -21.68
N ILE A 216 3.99 5.49 -21.01
CA ILE A 216 2.76 5.02 -21.62
C ILE A 216 2.43 5.83 -22.86
N TRP A 217 2.52 7.15 -22.73
CA TRP A 217 2.21 8.06 -23.83
C TRP A 217 3.11 7.80 -25.03
N SER A 218 4.38 7.49 -24.77
CA SER A 218 5.33 7.18 -25.83
C SER A 218 4.97 5.87 -26.50
N SER A 219 4.46 4.92 -25.73
CA SER A 219 4.06 3.63 -26.26
C SER A 219 2.77 3.78 -27.03
N GLY A 220 1.94 4.72 -26.59
CA GLY A 220 0.66 4.99 -27.23
C GLY A 220 0.82 5.46 -28.67
N VAL A 221 1.84 6.27 -28.90
CA VAL A 221 2.11 6.76 -30.25
C VAL A 221 2.91 5.74 -31.07
N ILE A 222 3.56 4.82 -30.36
CA ILE A 222 4.29 3.73 -31.02
C ILE A 222 3.29 2.77 -31.65
N LEU A 223 2.26 2.42 -30.89
CA LEU A 223 1.21 1.51 -31.35
C LEU A 223 0.50 2.09 -32.58
N TYR A 224 0.48 3.41 -32.67
CA TYR A 224 -0.13 4.09 -33.80
C TYR A 224 0.67 3.83 -35.08
N ALA A 225 1.98 4.01 -34.99
CA ALA A 225 2.87 3.83 -36.14
C ALA A 225 2.89 2.37 -36.59
N LEU A 226 2.65 1.46 -35.64
CA LEU A 226 2.64 0.03 -35.95
C LEU A 226 1.36 -0.36 -36.67
N LEU A 227 0.31 0.43 -36.45
CA LEU A 227 -1.00 0.14 -37.04
C LEU A 227 -1.28 1.00 -38.26
N CYS A 228 -0.68 2.18 -38.30
CA CYS A 228 -0.97 3.15 -39.36
C CYS A 228 0.20 3.32 -40.33
N GLY A 229 1.41 3.23 -39.81
CA GLY A 229 2.60 3.43 -40.62
C GLY A 229 3.08 4.87 -40.56
N THR A 230 2.34 5.70 -39.83
CA THR A 230 2.69 7.11 -39.68
C THR A 230 2.54 7.58 -38.24
N LEU A 231 2.92 8.84 -38.00
CA LEU A 231 2.82 9.43 -36.67
C LEU A 231 1.47 10.10 -36.46
N PRO A 232 0.99 10.11 -35.21
CA PRO A 232 -0.27 10.80 -34.87
C PRO A 232 -0.07 12.29 -34.67
N PHE A 233 1.12 12.70 -34.21
CA PHE A 233 1.43 14.10 -34.00
C PHE A 233 2.71 14.50 -34.72
N ASP A 234 2.57 15.11 -35.89
CA ASP A 234 3.73 15.54 -36.66
C ASP A 234 3.48 16.88 -37.35
N ASP A 235 4.53 17.69 -37.44
CA ASP A 235 4.46 18.99 -38.11
C ASP A 235 5.87 19.51 -38.36
N ASP A 236 6.11 20.00 -39.58
CA ASP A 236 7.41 20.56 -39.92
C ASP A 236 7.74 21.75 -39.03
N HIS A 237 6.73 22.58 -38.77
CA HIS A 237 6.88 23.70 -37.86
C HIS A 237 6.75 23.19 -36.42
N VAL A 238 7.87 23.12 -35.73
CA VAL A 238 7.93 22.54 -34.38
C VAL A 238 7.04 23.19 -33.30
N PRO A 239 7.00 24.54 -33.22
CA PRO A 239 6.13 25.13 -32.21
C PRO A 239 4.66 24.76 -32.42
N THR A 240 4.24 24.62 -33.67
CA THR A 240 2.87 24.24 -33.98
C THR A 240 2.68 22.74 -33.81
N LEU A 241 3.78 22.01 -33.66
CA LEU A 241 3.75 20.57 -33.42
C LEU A 241 3.44 20.27 -31.96
N PHE A 242 4.08 21.01 -31.06
CA PHE A 242 3.83 20.86 -29.63
C PHE A 242 2.42 21.27 -29.28
N LYS A 243 1.81 22.09 -30.13
CA LYS A 243 0.42 22.45 -29.94
C LYS A 243 -0.46 21.27 -30.32
N LYS A 244 -0.11 20.57 -31.40
CA LYS A 244 -0.90 19.43 -31.87
C LYS A 244 -0.90 18.30 -30.84
N ILE A 245 0.10 18.32 -29.97
CA ILE A 245 0.24 17.29 -28.94
C ILE A 245 -0.62 17.56 -27.71
N CYS A 246 -0.44 18.74 -27.10
CA CYS A 246 -1.16 19.10 -25.88
C CYS A 246 -2.67 19.12 -26.07
N ASP A 247 -3.11 19.21 -27.32
CA ASP A 247 -4.52 19.04 -27.64
C ASP A 247 -4.75 17.57 -27.99
N GLY A 248 -5.61 16.92 -27.23
CA GLY A 248 -5.83 15.50 -27.41
C GLY A 248 -6.70 15.16 -28.61
N ILE A 249 -6.18 15.42 -29.80
CA ILE A 249 -6.88 15.09 -31.03
C ILE A 249 -5.99 14.35 -32.03
N PHE A 250 -6.51 13.26 -32.58
CA PHE A 250 -5.83 12.48 -33.61
C PHE A 250 -6.85 11.64 -34.37
N TYR A 251 -6.54 11.32 -35.62
CA TYR A 251 -7.48 10.60 -36.47
C TYR A 251 -7.18 9.12 -36.59
N THR A 252 -8.20 8.30 -36.38
CA THR A 252 -8.10 6.86 -36.56
C THR A 252 -8.90 6.47 -37.79
N PRO A 253 -8.20 6.30 -38.92
CA PRO A 253 -8.84 6.22 -40.24
C PRO A 253 -9.29 4.83 -40.67
N GLN A 254 -10.51 4.76 -41.21
CA GLN A 254 -11.01 3.62 -41.97
C GLN A 254 -10.85 2.24 -41.32
N TYR A 255 -9.87 1.49 -41.80
CA TYR A 255 -9.67 0.08 -41.46
C TYR A 255 -9.43 -0.17 -39.98
N LEU A 256 -8.96 0.85 -39.27
CA LEU A 256 -8.54 0.71 -37.87
C LEU A 256 -9.64 0.10 -36.99
N ASN A 257 -9.36 -1.09 -36.48
CA ASN A 257 -10.32 -1.85 -35.67
C ASN A 257 -10.76 -1.08 -34.44
N PRO A 258 -12.08 -1.07 -34.16
CA PRO A 258 -12.65 -0.29 -33.06
C PRO A 258 -12.09 -0.66 -31.69
N SER A 259 -11.67 -1.91 -31.51
CA SER A 259 -11.18 -2.37 -30.22
C SER A 259 -9.85 -1.70 -29.84
N VAL A 260 -9.02 -1.43 -30.83
CA VAL A 260 -7.70 -0.85 -30.57
C VAL A 260 -7.73 0.68 -30.53
N ILE A 261 -8.74 1.27 -31.17
CA ILE A 261 -8.91 2.72 -31.14
C ILE A 261 -9.22 3.19 -29.72
N SER A 262 -10.01 2.39 -29.00
CA SER A 262 -10.33 2.68 -27.61
C SER A 262 -9.08 2.60 -26.74
N LEU A 263 -8.11 1.80 -27.17
CA LEU A 263 -6.85 1.67 -26.45
C LEU A 263 -5.95 2.88 -26.72
N LEU A 264 -5.95 3.35 -27.95
CA LEU A 264 -5.13 4.49 -28.33
C LEU A 264 -5.61 5.78 -27.66
N LYS A 265 -6.92 6.02 -27.70
CA LYS A 265 -7.53 7.18 -27.04
C LYS A 265 -7.26 7.13 -25.54
N HIS A 266 -7.08 5.92 -25.01
CA HIS A 266 -6.82 5.72 -23.59
C HIS A 266 -5.34 5.96 -23.29
N MET A 267 -4.47 5.38 -24.09
CA MET A 267 -3.02 5.51 -23.90
C MET A 267 -2.54 6.93 -24.21
N LEU A 268 -3.29 7.64 -25.04
CA LEU A 268 -2.92 9.01 -25.40
C LEU A 268 -3.88 10.03 -24.80
N GLN A 269 -4.14 9.89 -23.51
CA GLN A 269 -4.93 10.88 -22.80
C GLN A 269 -4.05 12.02 -22.32
N VAL A 270 -4.38 13.24 -22.72
CA VAL A 270 -3.62 14.41 -22.32
C VAL A 270 -3.64 14.59 -20.80
N ASP A 271 -4.76 14.28 -20.18
CA ASP A 271 -4.83 14.25 -18.72
C ASP A 271 -4.18 12.98 -18.20
N PRO A 272 -3.04 13.13 -17.50
CA PRO A 272 -2.25 11.99 -17.03
C PRO A 272 -2.98 11.11 -16.03
N MET A 273 -3.99 11.66 -15.36
CA MET A 273 -4.73 10.89 -14.36
C MET A 273 -5.76 9.97 -15.00
N LYS A 274 -6.27 10.34 -16.17
CA LYS A 274 -7.20 9.48 -16.89
C LYS A 274 -6.47 8.61 -17.91
N ARG A 275 -5.17 8.89 -18.10
CA ARG A 275 -4.36 8.13 -19.05
C ARG A 275 -4.21 6.69 -18.59
N ALA A 276 -4.17 5.77 -19.55
CA ALA A 276 -4.12 4.35 -19.26
C ALA A 276 -2.87 3.96 -18.49
N THR A 277 -2.99 2.92 -17.66
CA THR A 277 -1.85 2.34 -16.97
C THR A 277 -1.59 0.97 -17.55
N ILE A 278 -0.45 0.38 -17.22
CA ILE A 278 -0.12 -0.97 -17.70
C ILE A 278 -1.19 -1.95 -17.23
N LYS A 279 -1.63 -1.76 -15.98
CA LYS A 279 -2.76 -2.51 -15.44
C LYS A 279 -3.98 -2.37 -16.34
N ASP A 280 -4.22 -1.15 -16.83
CA ASP A 280 -5.37 -0.88 -17.69
C ASP A 280 -5.20 -1.44 -19.10
N ILE A 281 -3.96 -1.73 -19.47
CA ILE A 281 -3.68 -2.26 -20.80
C ILE A 281 -3.67 -3.79 -20.80
N ARG A 282 -3.14 -4.38 -19.74
CA ARG A 282 -3.09 -5.83 -19.61
C ARG A 282 -4.50 -6.46 -19.58
N GLU A 283 -5.46 -5.69 -19.09
CA GLU A 283 -6.83 -6.17 -18.96
C GLU A 283 -7.71 -5.70 -20.11
N HIS A 284 -7.12 -4.94 -21.02
CA HIS A 284 -7.82 -4.49 -22.21
C HIS A 284 -8.07 -5.68 -23.12
N GLU A 285 -9.25 -5.76 -23.70
CA GLU A 285 -9.65 -6.92 -24.49
C GLU A 285 -8.85 -7.10 -25.77
N TRP A 286 -8.33 -6.01 -26.31
CA TRP A 286 -7.52 -6.08 -27.51
C TRP A 286 -6.14 -6.66 -27.22
N PHE A 287 -5.59 -6.29 -26.07
CA PHE A 287 -4.24 -6.69 -25.69
C PHE A 287 -4.20 -8.14 -25.18
N LYS A 288 -5.32 -8.62 -24.67
CA LYS A 288 -5.42 -9.98 -24.16
C LYS A 288 -5.39 -11.02 -25.28
N GLN A 289 -5.73 -10.58 -26.49
CA GLN A 289 -5.91 -11.50 -27.62
C GLN A 289 -4.63 -12.23 -28.00
N ASP A 290 -4.53 -13.49 -27.59
CA ASP A 290 -3.43 -14.38 -27.96
C ASP A 290 -2.05 -13.84 -27.60
N LEU A 291 -1.86 -13.47 -26.34
CA LEU A 291 -0.55 -13.06 -25.87
C LEU A 291 0.12 -14.19 -25.08
N PRO A 292 1.42 -14.38 -25.28
CA PRO A 292 2.18 -15.42 -24.57
C PRO A 292 2.13 -15.20 -23.06
N LYS A 293 1.91 -16.29 -22.32
CA LYS A 293 1.74 -16.20 -20.87
C LYS A 293 3.07 -15.98 -20.15
N TYR A 294 4.18 -16.22 -20.83
CA TYR A 294 5.50 -16.08 -20.20
C TYR A 294 5.86 -14.62 -19.94
N LEU A 295 5.16 -13.70 -20.60
CA LEU A 295 5.30 -12.29 -20.30
C LEU A 295 4.52 -11.99 -19.02
N PHE A 296 5.00 -11.03 -18.24
CA PHE A 296 4.32 -10.60 -17.01
C PHE A 296 4.34 -11.70 -15.92
N PRO A 297 4.14 -11.32 -14.64
CA PRO A 297 4.32 -12.24 -13.50
C PRO A 297 3.78 -13.66 -13.66
N GLU A 298 2.50 -13.79 -13.99
CA GLU A 298 1.87 -15.12 -14.04
C GLU A 298 1.56 -15.55 -15.49
N ASP A 299 1.93 -16.78 -15.83
CA ASP A 299 2.60 -17.68 -14.90
C ASP A 299 4.12 -17.57 -14.99
N ALA A 340 18.51 -26.57 -0.62
CA ALA A 340 18.10 -25.18 -0.75
C ALA A 340 17.19 -24.97 -1.96
N VAL A 341 16.10 -25.73 -2.00
CA VAL A 341 15.16 -25.65 -3.12
C VAL A 341 13.79 -25.14 -2.68
N ALA A 342 13.80 -24.02 -1.96
CA ALA A 342 12.56 -23.41 -1.49
C ALA A 342 12.05 -22.36 -2.47
N TYR A 343 12.83 -22.10 -3.51
CA TYR A 343 12.45 -21.14 -4.55
C TYR A 343 11.26 -21.66 -5.34
N HIS A 344 11.13 -22.99 -5.41
CA HIS A 344 9.99 -23.62 -6.06
C HIS A 344 8.78 -23.62 -5.12
N LEU A 345 9.00 -23.13 -3.89
CA LEU A 345 7.94 -23.04 -2.90
C LEU A 345 7.62 -21.57 -2.58
N ILE A 346 8.61 -20.70 -2.74
CA ILE A 346 8.41 -19.28 -2.53
C ILE A 346 7.72 -18.67 -3.75
N ILE A 347 7.90 -19.28 -4.91
CA ILE A 347 7.24 -18.85 -6.12
C ILE A 347 5.82 -19.43 -6.18
N ASP A 348 5.62 -20.54 -5.46
CA ASP A 348 4.31 -21.17 -5.39
C ASP A 348 3.42 -20.45 -4.38
N ASN A 349 4.02 -20.05 -3.26
CA ASN A 349 3.29 -19.34 -2.22
C ASN A 349 2.81 -17.97 -2.69
N ARG A 350 3.61 -17.33 -3.54
CA ARG A 350 3.28 -16.01 -4.07
C ARG A 350 2.04 -16.04 -4.96
N ARG A 351 1.90 -17.11 -5.74
CA ARG A 351 0.75 -17.27 -6.63
C ARG A 351 -0.54 -17.39 -5.84
N ILE A 352 -0.44 -17.97 -4.65
CA ILE A 352 -1.60 -18.14 -3.78
C ILE A 352 -1.99 -16.82 -3.11
N MET A 353 -1.04 -15.90 -3.06
CA MET A 353 -1.29 -14.59 -2.47
C MET A 353 -2.05 -13.68 -3.43
N ASN A 354 -1.58 -13.63 -4.68
CA ASN A 354 -2.23 -12.83 -5.70
C ASN A 354 -3.58 -13.38 -6.11
N GLU A 355 -3.79 -14.68 -5.87
CA GLU A 355 -5.05 -15.34 -6.20
C GLU A 355 -6.18 -14.80 -5.35
N ALA A 356 -5.94 -14.69 -4.05
CA ALA A 356 -6.92 -14.10 -3.13
C ALA A 356 -6.49 -12.69 -2.76
N LYS A 357 -6.68 -11.76 -3.68
CA LYS A 357 -6.24 -10.37 -3.51
C LYS A 357 -7.07 -9.65 -2.45
N ASP A 358 -8.27 -10.16 -2.18
CA ASP A 358 -9.17 -9.54 -1.22
C ASP A 358 -8.60 -9.57 0.20
N PHE A 359 -7.52 -10.32 0.38
CA PHE A 359 -6.89 -10.52 1.67
C PHE A 359 -5.79 -9.49 1.90
N TYR A 360 -5.23 -8.97 0.82
CA TYR A 360 -4.11 -8.03 0.90
C TYR A 360 -4.48 -6.61 0.48
N LEU A 361 -5.50 -6.49 -0.36
CA LEU A 361 -5.91 -5.19 -0.87
C LEU A 361 -7.40 -4.91 -0.72
N ALA A 362 -7.72 -3.65 -0.46
CA ALA A 362 -9.11 -3.21 -0.38
C ALA A 362 -9.64 -2.90 -1.78
N THR A 363 -10.73 -3.55 -2.16
CA THR A 363 -11.33 -3.33 -3.47
C THR A 363 -12.10 -2.01 -3.50
N SER A 364 -12.49 -1.60 -4.70
CA SER A 364 -13.25 -0.37 -4.87
C SER A 364 -14.75 -0.65 -4.84
N PRO A 365 -15.51 0.22 -4.15
CA PRO A 365 -16.96 0.05 -4.05
C PRO A 365 -17.64 0.37 -5.37
N PRO A 366 -18.81 -0.23 -5.61
CA PRO A 366 -19.62 -0.01 -6.83
C PRO A 366 -19.88 1.47 -7.07
N ASP A 367 -20.01 1.86 -8.34
CA ASP A 367 -20.02 3.27 -8.71
C ASP A 367 -21.39 3.94 -8.69
N SER A 368 -22.42 3.23 -9.13
CA SER A 368 -23.75 3.83 -9.30
C SER A 368 -24.29 4.44 -8.01
N PHE A 369 -24.71 5.70 -8.09
CA PHE A 369 -25.29 6.40 -6.96
C PHE A 369 -26.74 6.75 -7.25
N LEU A 370 -27.30 6.06 -8.24
CA LEU A 370 -28.69 6.30 -8.64
C LEU A 370 -29.59 5.12 -8.32
N ASP A 371 -29.00 4.08 -7.75
CA ASP A 371 -29.76 2.89 -7.36
C ASP A 371 -30.66 3.16 -6.15
N ASP A 372 -31.91 2.72 -6.25
CA ASP A 372 -32.88 2.90 -5.17
C ASP A 372 -32.48 2.07 -3.95
N HIS A 373 -32.16 0.80 -4.18
CA HIS A 373 -31.70 -0.07 -3.11
C HIS A 373 -30.40 -0.76 -3.51
N HIS A 374 -29.49 -0.92 -2.55
CA HIS A 374 -28.23 -1.59 -2.80
C HIS A 374 -28.02 -2.72 -1.79
N LEU A 375 -28.03 -3.95 -2.29
CA LEU A 375 -27.85 -5.12 -1.43
C LEU A 375 -26.43 -5.69 -1.54
N THR A 376 -25.81 -5.89 -0.39
CA THR A 376 -24.44 -6.38 -0.32
C THR A 376 -24.12 -6.87 1.09
N ARG A 377 -23.13 -7.75 1.19
CA ARG A 377 -22.76 -8.34 2.48
C ARG A 377 -21.67 -7.54 3.18
N PRO A 378 -22.02 -6.87 4.28
CA PRO A 378 -21.06 -6.04 5.01
C PRO A 378 -20.14 -6.87 5.90
N HIS A 379 -18.89 -6.46 6.00
CA HIS A 379 -17.92 -7.08 6.90
C HIS A 379 -18.43 -6.90 8.33
N PRO A 380 -18.40 -7.99 9.12
CA PRO A 380 -18.99 -7.99 10.46
C PRO A 380 -18.31 -6.98 11.39
N GLU A 381 -17.06 -6.65 11.13
CA GLU A 381 -16.30 -5.79 12.01
C GLU A 381 -16.42 -4.32 11.60
N ARG A 382 -17.37 -4.02 10.72
CA ARG A 382 -17.64 -2.63 10.35
C ARG A 382 -19.13 -2.37 10.20
N VAL A 383 -19.92 -2.94 11.11
CA VAL A 383 -21.37 -2.72 11.10
C VAL A 383 -21.84 -1.56 12.00
N PRO A 384 -21.33 -1.48 13.25
CA PRO A 384 -21.77 -0.36 14.09
C PRO A 384 -21.43 1.01 13.50
N PHE A 385 -20.23 1.18 12.96
CA PHE A 385 -19.86 2.45 12.35
C PHE A 385 -20.71 2.71 11.12
N LEU A 386 -21.09 1.62 10.45
CA LEU A 386 -21.89 1.70 9.23
C LEU A 386 -23.34 2.09 9.51
N VAL A 387 -24.00 1.31 10.36
CA VAL A 387 -25.44 1.45 10.58
C VAL A 387 -25.82 2.77 11.30
N ALA A 388 -24.83 3.46 11.84
CA ALA A 388 -25.09 4.69 12.59
C ALA A 388 -24.91 5.95 11.74
N GLU A 389 -23.90 5.93 10.87
CA GLU A 389 -23.59 7.10 10.05
C GLU A 389 -24.26 7.08 8.68
N THR A 390 -24.76 5.92 8.27
CA THR A 390 -25.36 5.77 6.94
C THR A 390 -26.90 5.60 6.81
N PRO A 391 -27.64 5.39 7.93
CA PRO A 391 -29.03 4.98 7.67
C PRO A 391 -29.89 6.04 7.01
N ARG A 392 -29.65 7.30 7.35
CA ARG A 392 -30.36 8.42 6.73
C ARG A 392 -29.43 9.61 6.54
N ALA A 393 -28.26 9.36 5.95
CA ALA A 393 -27.27 10.41 5.72
C ALA A 393 -26.50 10.15 4.43
N ALA A 413 -15.14 14.30 6.86
CA ALA A 413 -13.93 15.12 6.88
C ALA A 413 -13.01 14.77 5.72
N LYS A 414 -12.48 15.79 5.06
CA LYS A 414 -11.54 15.59 3.96
C LYS A 414 -10.09 15.69 4.46
N TRP A 415 -9.20 15.01 3.76
CA TRP A 415 -7.79 15.04 4.08
C TRP A 415 -7.04 15.99 3.15
N HIS A 416 -6.39 16.99 3.74
CA HIS A 416 -5.66 17.98 2.98
C HIS A 416 -4.24 17.48 2.70
N LEU A 417 -3.64 18.02 1.64
CA LEU A 417 -2.24 17.75 1.36
C LEU A 417 -1.39 18.90 1.87
N GLY A 418 -0.63 18.65 2.93
CA GLY A 418 0.19 19.68 3.54
C GLY A 418 -0.66 20.86 3.97
N ILE A 419 -0.16 22.07 3.73
CA ILE A 419 -0.94 23.27 4.00
C ILE A 419 -0.89 24.25 2.83
N ARG A 420 -1.92 25.08 2.71
CA ARG A 420 -1.99 26.06 1.64
C ARG A 420 -2.29 27.47 2.15
N SER A 421 -1.79 28.46 1.41
CA SER A 421 -2.04 29.87 1.74
C SER A 421 -2.28 30.67 0.47
N GLN A 422 -2.53 31.96 0.63
CA GLN A 422 -2.74 32.84 -0.51
C GLN A 422 -1.75 34.00 -0.50
N SER A 423 -0.73 33.89 0.35
CA SER A 423 0.29 34.92 0.48
C SER A 423 1.25 34.91 -0.71
N ARG A 424 2.05 35.95 -0.83
CA ARG A 424 3.10 36.00 -1.85
C ARG A 424 4.12 34.91 -1.58
N PRO A 425 4.50 34.16 -2.64
CA PRO A 425 5.32 32.94 -2.53
C PRO A 425 6.63 33.14 -1.77
N ASN A 426 7.36 34.22 -2.08
CA ASN A 426 8.62 34.47 -1.42
C ASN A 426 8.43 35.01 -0.01
N ASP A 427 7.26 35.59 0.24
CA ASP A 427 6.90 36.04 1.59
C ASP A 427 6.56 34.87 2.49
N ILE A 428 6.12 33.77 1.86
CA ILE A 428 5.84 32.54 2.60
C ILE A 428 7.14 31.92 3.08
N MET A 429 8.07 31.73 2.14
CA MET A 429 9.37 31.11 2.44
C MET A 429 10.12 31.87 3.53
N ALA A 430 9.88 33.17 3.62
CA ALA A 430 10.51 33.99 4.64
C ALA A 430 9.99 33.62 6.02
N GLU A 431 8.71 33.28 6.10
CA GLU A 431 8.07 33.00 7.38
C GLU A 431 8.24 31.56 7.84
N VAL A 432 8.43 30.65 6.89
CA VAL A 432 8.61 29.24 7.25
C VAL A 432 9.99 29.01 7.86
N CYS A 433 10.96 29.82 7.46
CA CYS A 433 12.30 29.74 8.02
C CYS A 433 12.32 30.35 9.43
N ARG A 434 11.48 31.35 9.64
CA ARG A 434 11.31 31.94 10.95
C ARG A 434 10.78 30.89 11.93
N ALA A 435 9.80 30.12 11.47
CA ALA A 435 9.25 29.04 12.28
C ALA A 435 10.29 27.95 12.51
N ILE A 436 11.13 27.72 11.53
CA ILE A 436 12.19 26.72 11.63
C ILE A 436 13.29 27.18 12.57
N LYS A 437 13.67 28.45 12.46
CA LYS A 437 14.68 29.03 13.33
C LYS A 437 14.16 29.07 14.77
N GLN A 438 12.83 29.16 14.91
CA GLN A 438 12.19 29.24 16.22
C GLN A 438 12.16 27.90 16.92
N LEU A 439 12.42 26.83 16.17
CA LEU A 439 12.39 25.49 16.73
C LEU A 439 13.78 24.86 16.80
N ASP A 440 14.80 25.66 16.47
CA ASP A 440 16.19 25.22 16.47
C ASP A 440 16.40 24.03 15.53
N TYR A 441 16.04 24.20 14.27
CA TYR A 441 16.23 23.16 13.27
C TYR A 441 17.37 23.52 12.32
N GLU A 442 18.00 22.50 11.76
CA GLU A 442 19.06 22.71 10.78
C GLU A 442 18.49 22.62 9.37
N TRP A 443 18.35 23.76 8.72
CA TRP A 443 17.78 23.80 7.37
C TRP A 443 18.83 24.12 6.32
N LYS A 444 18.63 23.57 5.12
CA LYS A 444 19.53 23.82 4.01
C LYS A 444 18.75 24.09 2.72
N VAL A 445 19.06 25.21 2.07
CA VAL A 445 18.34 25.63 0.87
C VAL A 445 18.86 24.98 -0.40
N VAL A 446 17.98 24.29 -1.11
CA VAL A 446 18.32 23.71 -2.41
C VAL A 446 17.78 24.60 -3.52
N ASN A 447 16.54 25.06 -3.35
CA ASN A 447 15.91 26.01 -4.25
C ASN A 447 15.30 27.14 -3.42
N PRO A 448 14.93 28.26 -4.07
CA PRO A 448 14.21 29.30 -3.34
C PRO A 448 12.86 28.82 -2.81
N TYR A 449 12.40 27.65 -3.27
CA TYR A 449 11.14 27.09 -2.81
C TYR A 449 11.27 25.62 -2.46
N TYR A 450 12.45 25.24 -1.94
CA TYR A 450 12.74 23.86 -1.61
C TYR A 450 13.81 23.82 -0.53
N LEU A 451 13.46 23.30 0.65
CA LEU A 451 14.39 23.22 1.76
C LEU A 451 14.69 21.77 2.14
N ARG A 452 15.72 21.58 2.95
CA ARG A 452 16.09 20.27 3.45
C ARG A 452 16.34 20.38 4.96
N VAL A 453 15.25 20.43 5.74
CA VAL A 453 15.34 20.69 7.17
C VAL A 453 15.63 19.43 7.99
N ARG A 454 16.53 19.58 8.96
CA ARG A 454 17.01 18.46 9.77
C ARG A 454 16.85 18.74 11.26
N ARG A 455 16.35 17.76 12.00
CA ARG A 455 16.14 17.92 13.43
C ARG A 455 16.82 16.81 14.24
N LYS A 456 17.35 17.17 15.40
CA LYS A 456 17.94 16.20 16.32
C LYS A 456 16.95 15.88 17.43
N ASN A 457 16.50 14.62 17.48
CA ASN A 457 15.56 14.18 18.50
C ASN A 457 16.17 14.24 19.89
N PRO A 458 15.62 15.11 20.75
CA PRO A 458 16.18 15.37 22.09
C PRO A 458 15.87 14.25 23.10
N VAL A 459 15.74 13.02 22.62
CA VAL A 459 15.50 11.87 23.50
C VAL A 459 16.38 10.70 23.12
N THR A 460 16.31 10.29 21.86
CA THR A 460 17.11 9.16 21.38
C THR A 460 18.30 9.62 20.54
N SER A 461 18.46 10.94 20.44
CA SER A 461 19.55 11.54 19.67
C SER A 461 19.61 11.04 18.23
N THR A 462 18.45 10.91 17.61
CA THR A 462 18.37 10.45 16.23
C THR A 462 18.00 11.58 15.28
N PHE A 463 18.68 11.63 14.14
CA PHE A 463 18.44 12.67 13.15
C PHE A 463 17.30 12.29 12.21
N SER A 464 16.20 13.01 12.29
CA SER A 464 15.07 12.80 11.39
C SER A 464 15.00 13.91 10.35
N LYS A 465 14.87 13.53 9.09
CA LYS A 465 14.90 14.50 7.99
C LYS A 465 13.55 14.61 7.28
N MET A 466 13.35 15.74 6.61
CA MET A 466 12.14 15.96 5.82
C MET A 466 12.37 17.10 4.82
N SER A 467 11.63 17.06 3.71
CA SER A 467 11.78 18.07 2.65
C SER A 467 10.54 18.95 2.48
N LEU A 468 10.76 20.25 2.48
CA LEU A 468 9.69 21.23 2.27
C LEU A 468 9.76 21.79 0.86
N GLN A 469 8.73 21.53 0.07
CA GLN A 469 8.64 22.03 -1.30
C GLN A 469 7.38 22.85 -1.49
N LEU A 470 7.52 24.07 -1.99
CA LEU A 470 6.37 24.94 -2.22
C LEU A 470 5.82 24.75 -3.64
N TYR A 471 4.51 24.65 -3.75
CA TYR A 471 3.85 24.49 -5.05
C TYR A 471 2.84 25.59 -5.30
N GLN A 472 2.25 25.58 -6.49
CA GLN A 472 1.17 26.49 -6.83
C GLN A 472 -0.05 25.68 -7.25
N VAL A 473 -1.19 25.96 -6.61
CA VAL A 473 -2.43 25.25 -6.91
C VAL A 473 -3.36 26.07 -7.80
N ASP A 474 -3.84 27.19 -7.26
CA ASP A 474 -4.73 28.06 -8.01
C ASP A 474 -3.92 29.14 -8.72
N SER A 475 -4.63 30.16 -9.22
CA SER A 475 -3.97 31.30 -9.84
C SER A 475 -3.59 32.32 -8.77
N ARG A 476 -3.97 32.03 -7.53
CA ARG A 476 -3.69 32.91 -6.41
C ARG A 476 -3.60 32.13 -5.09
N THR A 477 -3.19 30.86 -5.19
CA THR A 477 -3.06 30.00 -4.02
C THR A 477 -1.86 29.07 -4.15
N TYR A 478 -1.03 29.01 -3.11
CA TYR A 478 0.15 28.15 -3.11
C TYR A 478 0.02 27.03 -2.08
N LEU A 479 0.81 25.97 -2.27
CA LEU A 479 0.75 24.78 -1.42
C LEU A 479 2.14 24.42 -0.89
N LEU A 480 2.27 24.33 0.42
CA LEU A 480 3.51 23.88 1.04
C LEU A 480 3.46 22.38 1.30
N ASP A 481 4.36 21.64 0.65
CA ASP A 481 4.35 20.18 0.73
C ASP A 481 5.39 19.64 1.70
N PHE A 482 4.96 18.68 2.53
CA PHE A 482 5.85 18.06 3.51
C PHE A 482 6.19 16.64 3.09
N ARG A 483 7.46 16.40 2.80
CA ARG A 483 7.91 15.08 2.39
C ARG A 483 8.79 14.48 3.49
N SER A 484 8.91 13.16 3.50
CA SER A 484 9.73 12.48 4.49
C SER A 484 10.95 11.83 3.85
N ILE A 485 12.10 11.94 4.52
CA ILE A 485 13.33 11.37 4.01
C ILE A 485 13.88 10.30 4.94
N ASP A 486 13.96 9.07 4.42
CA ASP A 486 14.59 7.98 5.15
C ASP A 486 16.08 7.98 4.86
N ASP A 487 16.89 7.54 5.82
CA ASP A 487 18.33 7.49 5.65
C ASP A 487 18.93 6.17 6.11
N GLU A 488 19.37 5.36 5.15
CA GLU A 488 20.05 4.11 5.47
C GLU A 488 21.55 4.31 5.42
N ILE A 489 22.26 3.73 6.39
CA ILE A 489 23.71 3.88 6.47
C ILE A 489 24.42 2.59 6.08
N LYS B 18 11.13 32.64 -12.95
CA LYS B 18 11.17 31.49 -12.05
C LYS B 18 10.07 31.56 -11.00
N SER B 19 9.05 30.72 -11.18
CA SER B 19 7.95 30.61 -10.23
C SER B 19 8.00 29.22 -9.60
N PRO B 20 7.51 29.08 -8.36
CA PRO B 20 7.40 27.74 -7.75
C PRO B 20 6.56 26.82 -8.62
N PRO B 21 7.02 25.57 -8.78
CA PRO B 21 6.44 24.62 -9.75
C PRO B 21 4.98 24.31 -9.47
N ILE B 22 4.22 24.07 -10.53
CA ILE B 22 2.81 23.72 -10.42
C ILE B 22 2.70 22.36 -9.72
N LEU B 23 1.72 22.25 -8.83
CA LEU B 23 1.52 21.00 -8.08
C LEU B 23 1.05 19.88 -8.99
N PRO B 24 1.80 18.77 -9.00
CA PRO B 24 1.46 17.59 -9.80
C PRO B 24 0.18 16.92 -9.29
N PRO B 25 -0.72 16.56 -10.22
CA PRO B 25 -2.05 16.02 -9.93
C PRO B 25 -2.03 14.70 -9.14
N HIS B 26 -0.88 14.03 -9.12
CA HIS B 26 -0.78 12.75 -8.42
C HIS B 26 -1.03 12.89 -6.93
N LEU B 27 -0.57 13.99 -6.35
CA LEU B 27 -0.69 14.22 -4.92
C LEU B 27 -2.12 14.55 -4.51
N LEU B 28 -2.97 14.79 -5.50
CA LEU B 28 -4.36 15.14 -5.22
C LEU B 28 -5.27 13.92 -5.21
N GLN B 29 -4.66 12.74 -5.03
CA GLN B 29 -5.41 11.50 -4.86
C GLN B 29 -5.17 10.93 -3.47
N VAL B 30 -6.06 11.26 -2.54
CA VAL B 30 -5.89 10.87 -1.15
C VAL B 30 -6.60 9.54 -0.86
N ILE B 31 -5.82 8.53 -0.45
CA ILE B 31 -6.37 7.21 -0.20
C ILE B 31 -7.33 7.20 0.99
N LEU B 32 -7.18 8.16 1.89
CA LEU B 32 -8.01 8.23 3.08
C LEU B 32 -9.33 8.95 2.82
N ASN B 33 -9.34 9.81 1.81
CA ASN B 33 -10.57 10.45 1.37
C ASN B 33 -11.39 9.49 0.52
N LYS B 34 -10.68 8.57 -0.13
CA LYS B 34 -11.34 7.48 -0.84
C LYS B 34 -11.94 6.50 0.17
N ASP B 35 -13.11 5.97 -0.14
CA ASP B 35 -13.75 5.04 0.78
C ASP B 35 -13.70 3.61 0.26
N THR B 36 -13.46 2.67 1.17
CA THR B 36 -13.30 1.27 0.82
C THR B 36 -14.65 0.55 0.70
N ASN B 37 -14.61 -0.66 0.16
CA ASN B 37 -15.79 -1.50 0.04
C ASN B 37 -16.22 -1.99 1.42
N ILE B 38 -17.52 -2.10 1.64
CA ILE B 38 -18.03 -2.48 2.95
C ILE B 38 -17.82 -3.96 3.27
N SER B 39 -17.53 -4.74 2.24
CA SER B 39 -17.32 -6.18 2.41
C SER B 39 -15.88 -6.45 2.82
N CYS B 40 -14.98 -5.54 2.47
CA CYS B 40 -13.57 -5.67 2.80
C CYS B 40 -13.29 -5.43 4.28
N ASP B 41 -12.12 -5.87 4.73
CA ASP B 41 -11.67 -5.59 6.09
C ASP B 41 -11.54 -4.08 6.27
N PRO B 42 -12.08 -3.55 7.36
CA PRO B 42 -12.07 -2.12 7.67
C PRO B 42 -10.68 -1.49 7.67
N ALA B 43 -9.65 -2.31 7.85
CA ALA B 43 -8.27 -1.79 7.97
C ALA B 43 -7.55 -1.72 6.63
N LEU B 44 -8.08 -2.37 5.61
CA LEU B 44 -7.42 -2.43 4.31
C LEU B 44 -7.58 -1.14 3.50
N LEU B 45 -6.60 -0.91 2.62
CA LEU B 45 -6.62 0.25 1.74
C LEU B 45 -6.20 -0.17 0.34
N PRO B 46 -6.62 0.60 -0.69
CA PRO B 46 -6.17 0.33 -2.05
C PRO B 46 -4.67 0.51 -2.19
N GLU B 47 -4.09 -0.07 -3.23
CA GLU B 47 -2.66 0.06 -3.45
C GLU B 47 -2.32 1.47 -3.92
N PRO B 48 -1.42 2.15 -3.20
CA PRO B 48 -0.99 3.51 -3.57
C PRO B 48 0.14 3.46 -4.59
N ASN B 49 0.31 4.54 -5.36
CA ASN B 49 1.49 4.65 -6.21
C ASN B 49 2.66 5.21 -5.42
N HIS B 50 3.88 4.92 -5.87
CA HIS B 50 5.07 5.24 -5.08
C HIS B 50 5.25 6.72 -4.81
N VAL B 51 4.57 7.55 -5.60
CA VAL B 51 4.82 8.99 -5.55
C VAL B 51 4.04 9.73 -4.45
N MET B 52 3.04 9.07 -3.87
CA MET B 52 2.29 9.68 -2.77
C MET B 52 2.91 9.35 -1.41
N LEU B 53 3.90 8.45 -1.44
CA LEU B 53 4.56 8.01 -0.22
C LEU B 53 5.34 9.15 0.43
N ASN B 54 5.46 9.09 1.76
CA ASN B 54 6.21 10.06 2.56
C ASN B 54 5.57 11.45 2.69
N HIS B 55 4.65 11.78 1.78
CA HIS B 55 4.00 13.07 1.82
C HIS B 55 3.01 13.16 2.97
N LEU B 56 2.94 14.33 3.58
CA LEU B 56 2.12 14.53 4.78
C LEU B 56 0.71 14.99 4.44
N TYR B 57 -0.28 14.28 4.98
CA TYR B 57 -1.68 14.67 4.83
C TYR B 57 -2.30 14.99 6.18
N ALA B 58 -3.28 15.88 6.19
CA ALA B 58 -3.86 16.31 7.45
C ALA B 58 -5.36 16.60 7.36
N LEU B 59 -6.03 16.49 8.50
CA LEU B 59 -7.43 16.87 8.59
C LEU B 59 -7.52 18.34 8.96
N SER B 60 -8.70 18.91 8.81
CA SER B 60 -8.95 20.26 9.28
C SER B 60 -8.80 20.28 10.79
N ILE B 61 -7.96 21.18 11.29
CA ILE B 61 -7.73 21.28 12.73
C ILE B 61 -9.00 21.65 13.48
N LYS B 62 -9.48 20.72 14.31
CA LYS B 62 -10.70 20.95 15.09
C LYS B 62 -10.40 20.80 16.58
N ASP B 63 -11.12 21.56 17.40
CA ASP B 63 -10.91 21.60 18.84
C ASP B 63 -9.47 21.99 19.17
N SER B 64 -8.65 20.99 19.43
CA SER B 64 -7.23 21.22 19.72
C SER B 64 -6.41 19.98 19.38
N VAL B 65 -6.99 19.11 18.57
CA VAL B 65 -6.32 17.88 18.17
C VAL B 65 -5.96 17.90 16.69
N MET B 66 -4.67 17.73 16.40
CA MET B 66 -4.19 17.70 15.03
C MET B 66 -4.16 16.27 14.52
N VAL B 67 -4.62 16.06 13.30
CA VAL B 67 -4.69 14.72 12.73
C VAL B 67 -3.81 14.60 11.49
N LEU B 68 -2.55 14.21 11.69
CA LEU B 68 -1.61 14.08 10.59
C LEU B 68 -1.67 12.68 9.98
N SER B 69 -1.20 12.56 8.74
CA SER B 69 -1.21 11.29 8.04
C SER B 69 -0.16 11.23 6.94
N ALA B 70 0.42 10.05 6.76
CA ALA B 70 1.33 9.77 5.66
C ALA B 70 1.32 8.29 5.35
N THR B 71 1.73 7.94 4.14
CA THR B 71 1.82 6.54 3.75
C THR B 71 3.27 6.16 3.56
N HIS B 72 3.71 5.10 4.22
CA HIS B 72 5.09 4.66 4.13
C HIS B 72 5.14 3.21 3.67
N ARG B 73 6.22 2.84 3.00
CA ARG B 73 6.36 1.46 2.54
C ARG B 73 7.37 0.68 3.38
N TYR B 74 7.14 -0.62 3.47
CA TYR B 74 8.08 -1.52 4.10
C TYR B 74 8.27 -2.72 3.17
N LYS B 75 9.48 -2.83 2.62
CA LYS B 75 9.75 -3.78 1.55
C LYS B 75 8.73 -3.58 0.42
N LYS B 76 7.74 -4.46 0.37
CA LYS B 76 6.68 -4.37 -0.62
C LYS B 76 5.31 -4.34 0.03
N LYS B 77 5.27 -3.90 1.29
CA LYS B 77 4.00 -3.72 2.00
C LYS B 77 3.83 -2.24 2.34
N TYR B 78 2.60 -1.75 2.21
CA TYR B 78 2.33 -0.35 2.51
C TYR B 78 1.48 -0.19 3.76
N VAL B 79 1.74 0.90 4.49
CA VAL B 79 0.99 1.21 5.70
C VAL B 79 0.72 2.71 5.81
N THR B 80 -0.54 3.07 5.90
CA THR B 80 -0.92 4.48 6.02
C THR B 80 -1.19 4.82 7.48
N THR B 81 -0.19 5.41 8.14
CA THR B 81 -0.26 5.70 9.56
C THR B 81 -1.03 7.00 9.84
N LEU B 82 -1.91 6.95 10.83
CA LEU B 82 -2.67 8.12 11.24
C LEU B 82 -2.31 8.48 12.68
N LEU B 83 -2.15 9.77 12.95
CA LEU B 83 -1.76 10.22 14.28
C LEU B 83 -2.66 11.34 14.80
N TYR B 84 -3.23 11.12 15.97
CA TYR B 84 -3.98 12.15 16.68
C TYR B 84 -3.07 12.75 17.74
N LYS B 85 -2.97 14.07 17.77
CA LYS B 85 -2.04 14.74 18.67
C LYS B 85 -2.57 16.08 19.14
N PRO B 86 -2.68 16.26 20.47
CA PRO B 86 -3.12 17.52 21.09
C PRO B 86 -2.24 18.70 20.68
N PRO C 7 13.54 2.26 19.77
CA PRO C 7 14.16 3.58 19.92
C PRO C 7 13.35 4.66 19.20
N GLY C 8 12.03 4.58 19.27
CA GLY C 8 11.16 5.56 18.65
C GLY C 8 10.86 5.25 17.20
N SER C 9 9.66 5.62 16.76
CA SER C 9 9.24 5.37 15.38
C SER C 9 9.69 6.50 14.46
N HIS C 10 10.34 6.13 13.36
CA HIS C 10 10.81 7.11 12.38
C HIS C 10 9.65 7.90 11.79
N THR C 11 8.54 7.20 11.54
CA THR C 11 7.35 7.80 10.95
C THR C 11 6.68 8.78 11.90
N ILE C 12 6.54 8.40 13.16
CA ILE C 12 5.93 9.26 14.16
C ILE C 12 6.79 10.51 14.40
N GLU C 13 8.11 10.31 14.43
CA GLU C 13 9.05 11.43 14.58
C GLU C 13 8.86 12.43 13.45
N PHE C 14 8.57 11.93 12.25
CA PHE C 14 8.28 12.77 11.10
C PHE C 14 7.01 13.58 11.34
N PHE C 15 6.01 12.92 11.91
CA PHE C 15 4.75 13.58 12.24
C PHE C 15 4.98 14.60 13.34
N GLU C 16 5.73 14.18 14.36
CA GLU C 16 6.01 15.02 15.52
C GLU C 16 6.66 16.31 15.08
N MET C 17 7.57 16.21 14.11
CA MET C 17 8.30 17.36 13.59
C MET C 17 7.38 18.31 12.84
N CYS C 18 6.54 17.74 11.97
CA CYS C 18 5.61 18.53 11.17
C CYS C 18 4.62 19.32 12.04
N ALA C 19 4.20 18.70 13.13
CA ALA C 19 3.26 19.34 14.04
C ALA C 19 3.84 20.62 14.63
N ASN C 20 5.12 20.55 15.03
CA ASN C 20 5.80 21.71 15.61
C ASN C 20 5.90 22.87 14.65
N LEU C 21 6.02 22.56 13.37
CA LEU C 21 6.14 23.58 12.33
C LEU C 21 4.79 24.23 12.05
N ILE C 22 3.77 23.39 11.85
CA ILE C 22 2.43 23.87 11.54
C ILE C 22 1.83 24.67 12.69
N LYS C 23 2.16 24.26 13.92
CA LYS C 23 1.71 24.97 15.11
C LYS C 23 2.02 26.46 15.01
N ILE C 24 3.20 26.78 14.51
CA ILE C 24 3.59 28.17 14.30
C ILE C 24 2.90 28.77 13.09
N LEU C 25 2.99 28.05 11.96
CA LEU C 25 2.45 28.54 10.69
C LEU C 25 0.94 28.71 10.71
N ALA C 26 0.22 27.67 11.12
CA ALA C 26 -1.24 27.73 11.19
C ALA C 26 -1.68 28.79 12.20
N GLN C 27 -2.71 29.54 11.84
CA GLN C 27 -3.17 30.64 12.67
C GLN C 27 -4.67 30.49 12.99
N ASN D 24 -0.37 -36.09 12.87
CA ASN D 24 -0.63 -35.32 14.07
C ASN D 24 0.37 -34.20 14.29
N SER D 25 1.33 -34.43 15.16
CA SER D 25 2.34 -33.42 15.48
C SER D 25 3.28 -33.16 14.31
N SER D 26 3.21 -31.93 13.79
CA SER D 26 4.14 -31.34 12.81
C SER D 26 3.72 -31.31 11.33
N VAL D 27 2.91 -30.31 10.98
CA VAL D 27 2.74 -29.88 9.60
C VAL D 27 2.27 -28.43 9.63
N TYR D 28 1.38 -28.11 10.57
CA TYR D 28 0.93 -26.75 10.81
C TYR D 28 2.00 -26.02 11.61
N THR D 29 2.63 -26.77 12.52
CA THR D 29 3.78 -26.28 13.27
C THR D 29 4.91 -25.87 12.32
N THR D 30 5.24 -26.76 11.39
CA THR D 30 6.26 -26.49 10.40
C THR D 30 5.89 -25.31 9.51
N PHE D 31 4.60 -25.23 9.17
CA PHE D 31 4.10 -24.16 8.31
C PHE D 31 4.26 -22.80 8.97
N MET D 32 3.86 -22.71 10.24
CA MET D 32 3.92 -21.44 10.96
C MET D 32 5.34 -21.07 11.35
N LYS D 33 6.24 -22.05 11.26
CA LYS D 33 7.64 -21.84 11.61
C LYS D 33 8.46 -21.45 10.39
N SER D 34 7.88 -21.64 9.21
CA SER D 34 8.57 -21.33 7.95
C SER D 34 8.27 -19.92 7.47
N HIS D 35 7.03 -19.48 7.64
CA HIS D 35 6.62 -18.15 7.20
C HIS D 35 6.82 -17.12 8.32
N ARG D 36 7.11 -15.88 7.93
CA ARG D 36 7.31 -14.81 8.91
C ARG D 36 6.02 -14.02 9.09
N CYS D 37 6.03 -13.08 10.02
CA CYS D 37 4.86 -12.24 10.28
C CYS D 37 4.59 -11.32 9.09
N TYR D 38 5.66 -10.99 8.36
CA TYR D 38 5.57 -10.10 7.20
C TYR D 38 4.58 -10.58 6.16
N ASP D 39 4.39 -11.91 6.08
CA ASP D 39 3.52 -12.49 5.07
C ASP D 39 2.04 -12.22 5.37
N LEU D 40 1.72 -12.04 6.65
CA LEU D 40 0.33 -11.78 7.05
C LEU D 40 -0.06 -10.34 6.77
N ILE D 41 0.94 -9.47 6.75
CA ILE D 41 0.72 -8.05 6.53
C ILE D 41 0.12 -7.77 5.15
N PRO D 42 -1.04 -7.09 5.13
CA PRO D 42 -1.68 -6.67 3.88
C PRO D 42 -0.76 -5.78 3.07
N THR D 43 -0.90 -5.82 1.75
CA THR D 43 -0.05 -5.00 0.89
C THR D 43 -0.30 -3.51 1.10
N SER D 44 -1.47 -3.18 1.66
CA SER D 44 -1.80 -1.80 1.99
C SER D 44 -2.92 -1.72 3.03
N SER D 45 -2.58 -1.33 4.25
CA SER D 45 -3.58 -1.16 5.31
C SER D 45 -3.45 0.18 6.02
N LYS D 46 -4.33 0.39 7.00
CA LYS D 46 -4.41 1.66 7.71
C LYS D 46 -4.14 1.44 9.20
N LEU D 47 -3.33 2.31 9.79
CA LEU D 47 -2.98 2.20 11.20
C LEU D 47 -3.18 3.50 11.96
N VAL D 48 -3.96 3.45 13.03
CA VAL D 48 -4.26 4.64 13.84
C VAL D 48 -3.38 4.68 15.08
N VAL D 49 -2.77 5.84 15.33
CA VAL D 49 -1.92 6.01 16.51
C VAL D 49 -2.37 7.21 17.32
N PHE D 50 -2.56 7.00 18.63
CA PHE D 50 -2.98 8.06 19.54
C PHE D 50 -1.80 8.59 20.37
N ASP D 51 -1.80 9.89 20.63
CA ASP D 51 -0.86 10.45 21.58
C ASP D 51 -1.42 10.26 22.98
N THR D 52 -0.55 9.99 23.94
CA THR D 52 -0.99 9.67 25.30
C THR D 52 -1.67 10.85 26.00
N SER D 53 -1.37 12.06 25.57
CA SER D 53 -1.95 13.26 26.17
C SER D 53 -3.29 13.62 25.55
N LEU D 54 -3.88 12.68 24.82
CA LEU D 54 -5.19 12.89 24.21
C LEU D 54 -6.27 12.47 25.19
N GLN D 55 -7.39 13.19 25.19
CA GLN D 55 -8.53 12.81 26.02
C GLN D 55 -9.07 11.47 25.57
N VAL D 56 -9.43 10.63 26.54
CA VAL D 56 -9.77 9.25 26.25
C VAL D 56 -11.11 9.09 25.50
N LYS D 57 -12.05 9.99 25.75
CA LYS D 57 -13.34 9.92 25.07
C LYS D 57 -13.18 10.33 23.62
N LYS D 58 -12.25 11.25 23.38
CA LYS D 58 -11.96 11.71 22.04
C LYS D 58 -11.36 10.58 21.21
N ALA D 59 -10.59 9.72 21.88
CA ALA D 59 -9.92 8.61 21.22
C ALA D 59 -10.92 7.53 20.82
N PHE D 60 -11.89 7.26 21.69
CA PHE D 60 -12.89 6.23 21.43
C PHE D 60 -13.74 6.57 20.20
N PHE D 61 -14.07 7.85 20.06
CA PHE D 61 -14.79 8.31 18.89
C PHE D 61 -13.93 8.14 17.64
N ALA D 62 -12.63 8.38 17.80
CA ALA D 62 -11.68 8.25 16.71
C ALA D 62 -11.62 6.82 16.20
N LEU D 63 -11.87 5.87 17.11
CA LEU D 63 -11.93 4.47 16.75
C LEU D 63 -13.10 4.25 15.81
N VAL D 64 -14.25 4.81 16.17
CA VAL D 64 -15.46 4.70 15.36
C VAL D 64 -15.24 5.40 14.04
N THR D 65 -14.56 6.54 14.11
CA THR D 65 -14.30 7.38 12.95
C THR D 65 -13.61 6.60 11.83
N ASN D 66 -12.56 5.86 12.18
CA ASN D 66 -11.77 5.15 11.21
C ASN D 66 -12.21 3.70 11.04
N GLY D 67 -13.16 3.27 11.85
CA GLY D 67 -13.65 1.90 11.80
C GLY D 67 -12.59 0.92 12.22
N VAL D 68 -12.04 1.13 13.41
CA VAL D 68 -10.94 0.33 13.91
C VAL D 68 -11.18 -0.04 15.38
N ARG D 69 -10.64 -1.18 15.80
CA ARG D 69 -10.81 -1.64 17.17
C ARG D 69 -9.74 -1.11 18.11
N ALA D 70 -8.49 -1.14 17.68
CA ALA D 70 -7.39 -0.77 18.56
C ALA D 70 -6.36 0.14 17.90
N ALA D 71 -5.60 0.84 18.75
CA ALA D 71 -4.60 1.79 18.29
C ALA D 71 -3.39 1.79 19.22
N PRO D 72 -2.19 1.69 18.65
CA PRO D 72 -0.95 1.82 19.42
C PRO D 72 -0.88 3.17 20.14
N LEU D 73 -0.36 3.16 21.36
CA LEU D 73 -0.26 4.37 22.16
C LEU D 73 1.16 4.94 22.15
N TRP D 74 1.30 6.16 21.68
CA TRP D 74 2.60 6.80 21.58
C TRP D 74 2.84 7.77 22.73
N ASP D 75 3.80 7.46 23.59
CA ASP D 75 4.20 8.37 24.65
C ASP D 75 5.15 9.41 24.06
N SER D 76 4.65 10.61 23.83
CA SER D 76 5.42 11.65 23.17
C SER D 76 6.58 12.13 24.05
N LYS D 77 6.43 11.94 25.36
CA LYS D 77 7.47 12.33 26.31
C LYS D 77 8.62 11.33 26.30
N LYS D 78 8.28 10.05 26.16
CA LYS D 78 9.27 8.98 26.18
C LYS D 78 9.79 8.66 24.77
N GLN D 79 9.10 9.19 23.76
CA GLN D 79 9.41 8.92 22.36
C GLN D 79 9.39 7.44 22.05
N SER D 80 8.29 6.79 22.38
CA SER D 80 8.14 5.35 22.15
C SER D 80 6.68 4.92 22.29
N PHE D 81 6.37 3.75 21.75
CA PHE D 81 5.05 3.17 21.96
C PHE D 81 5.01 2.55 23.36
N VAL D 82 3.84 2.59 23.99
CA VAL D 82 3.73 2.15 25.38
C VAL D 82 2.61 1.13 25.61
N GLY D 83 1.78 0.91 24.59
CA GLY D 83 0.72 -0.07 24.72
C GLY D 83 -0.37 0.02 23.68
N MET D 84 -1.55 -0.49 24.04
CA MET D 84 -2.68 -0.51 23.13
C MET D 84 -3.90 0.15 23.75
N LEU D 85 -4.74 0.74 22.89
CA LEU D 85 -6.03 1.24 23.32
C LEU D 85 -7.11 0.48 22.58
N THR D 86 -7.70 -0.50 23.24
CA THR D 86 -8.69 -1.38 22.63
C THR D 86 -10.10 -1.10 23.17
N ILE D 87 -11.05 -1.94 22.77
CA ILE D 87 -12.43 -1.79 23.22
C ILE D 87 -12.53 -2.15 24.69
N THR D 88 -11.61 -3.00 25.15
CA THR D 88 -11.57 -3.42 26.54
C THR D 88 -11.36 -2.22 27.47
N ASP D 89 -10.59 -1.26 26.99
CA ASP D 89 -10.35 -0.03 27.72
C ASP D 89 -11.66 0.75 27.90
N PHE D 90 -12.44 0.79 26.83
CA PHE D 90 -13.74 1.46 26.86
C PHE D 90 -14.66 0.79 27.87
N ILE D 91 -14.66 -0.53 27.86
CA ILE D 91 -15.44 -1.32 28.81
C ILE D 91 -14.98 -1.06 30.23
N ASN D 92 -13.67 -1.00 30.43
CA ASN D 92 -13.11 -0.76 31.75
C ASN D 92 -13.37 0.65 32.26
N ILE D 93 -13.33 1.62 31.38
CA ILE D 93 -13.67 3.00 31.74
C ILE D 93 -15.12 3.07 32.25
N LEU D 94 -16.01 2.47 31.47
CA LEU D 94 -17.45 2.54 31.74
C LEU D 94 -17.85 1.83 33.04
N HIS D 95 -17.40 0.59 33.21
CA HIS D 95 -17.73 -0.17 34.41
C HIS D 95 -17.20 0.53 35.66
N ARG D 96 -16.02 1.13 35.53
CA ARG D 96 -15.34 1.76 36.66
C ARG D 96 -16.05 3.00 37.15
N TYR D 97 -16.17 4.00 36.27
CA TYR D 97 -16.60 5.32 36.68
C TYR D 97 -18.09 5.58 36.42
N TYR D 98 -18.90 4.53 36.52
CA TYR D 98 -20.31 4.65 36.17
C TYR D 98 -21.16 5.16 37.34
N LYS D 99 -21.13 6.47 37.54
CA LYS D 99 -22.12 7.10 38.40
C LYS D 99 -23.44 6.96 37.65
N SER D 100 -24.37 6.29 38.30
CA SER D 100 -25.53 5.73 37.63
C SER D 100 -26.81 6.47 37.99
N ALA D 101 -27.48 6.98 36.96
CA ALA D 101 -26.99 6.91 35.59
C ALA D 101 -27.25 8.25 34.94
N LEU D 102 -28.07 9.06 35.61
CA LEU D 102 -28.58 10.31 35.07
C LEU D 102 -27.57 11.43 35.27
N VAL D 103 -26.74 11.30 36.31
CA VAL D 103 -25.63 12.23 36.47
C VAL D 103 -24.56 11.92 35.41
N GLN D 104 -24.18 12.93 34.64
CA GLN D 104 -23.21 12.78 33.55
C GLN D 104 -21.93 12.11 34.05
N ILE D 105 -21.44 11.14 33.29
CA ILE D 105 -20.18 10.48 33.63
C ILE D 105 -19.04 11.50 33.58
N TYR D 106 -18.49 11.81 34.74
CA TYR D 106 -17.52 12.88 34.86
C TYR D 106 -16.08 12.42 34.65
N GLU D 107 -15.77 11.22 35.13
CA GLU D 107 -14.40 10.72 35.04
C GLU D 107 -14.00 10.26 33.63
N LEU D 108 -14.93 10.36 32.68
CA LEU D 108 -14.64 9.97 31.30
C LEU D 108 -14.57 11.20 30.40
N GLU D 109 -15.36 12.21 30.74
CA GLU D 109 -15.36 13.45 29.98
C GLU D 109 -14.04 14.17 30.12
N GLU D 110 -13.59 14.37 31.36
CA GLU D 110 -12.31 15.01 31.62
C GLU D 110 -11.28 13.97 32.06
N HIS D 111 -10.69 13.27 31.09
CA HIS D 111 -9.73 12.21 31.39
C HIS D 111 -8.88 11.91 30.16
N LYS D 112 -7.58 12.10 30.29
CA LYS D 112 -6.66 11.79 29.20
C LYS D 112 -6.25 10.33 29.25
N ILE D 113 -5.69 9.83 28.15
CA ILE D 113 -5.24 8.45 28.07
C ILE D 113 -4.20 8.14 29.14
N GLU D 114 -3.13 8.94 29.16
CA GLU D 114 -2.04 8.74 30.11
C GLU D 114 -2.51 8.76 31.55
N THR D 115 -3.47 9.63 31.86
CA THR D 115 -3.99 9.73 33.22
C THR D 115 -4.85 8.53 33.57
N TRP D 116 -5.46 7.91 32.56
CA TRP D 116 -6.26 6.72 32.81
C TRP D 116 -5.41 5.46 32.86
N ARG D 117 -4.24 5.52 32.25
CA ARG D 117 -3.29 4.43 32.37
C ARG D 117 -2.57 4.50 33.72
N GLU D 118 -2.78 5.59 34.44
CA GLU D 118 -2.23 5.74 35.77
C GLU D 118 -3.14 5.11 36.80
N VAL D 119 -4.33 4.70 36.36
CA VAL D 119 -5.33 4.14 37.26
C VAL D 119 -5.66 2.70 36.91
N TYR D 120 -6.08 2.49 35.66
CA TYR D 120 -6.53 1.19 35.19
C TYR D 120 -5.37 0.22 34.98
N LEU D 121 -4.29 0.71 34.38
CA LEU D 121 -3.12 -0.11 34.11
C LEU D 121 -2.43 -0.54 35.42
N GLN D 122 -2.49 0.32 36.43
CA GLN D 122 -1.98 -0.04 37.75
C GLN D 122 -2.83 -1.17 38.33
N ASP D 123 -2.18 -2.06 39.07
CA ASP D 123 -2.80 -3.28 39.58
C ASP D 123 -3.32 -4.18 38.45
N SER D 124 -2.75 -4.00 37.26
CA SER D 124 -3.12 -4.77 36.08
C SER D 124 -2.08 -4.56 34.98
N PHE D 125 -0.84 -4.33 35.38
CA PHE D 125 0.20 -3.90 34.44
C PHE D 125 0.53 -4.95 33.38
N LYS D 126 0.08 -4.68 32.16
CA LYS D 126 0.40 -5.50 31.01
C LYS D 126 1.26 -4.70 30.04
N PRO D 127 2.59 -4.86 30.14
CA PRO D 127 3.54 -4.11 29.30
C PRO D 127 3.38 -4.45 27.83
N LEU D 128 3.74 -3.52 26.96
CA LEU D 128 3.56 -3.70 25.51
C LEU D 128 4.33 -4.91 24.99
N VAL D 129 3.61 -5.78 24.29
CA VAL D 129 4.21 -6.94 23.65
C VAL D 129 4.10 -6.80 22.14
N CYS D 130 5.24 -6.71 21.46
CA CYS D 130 5.25 -6.59 20.01
C CYS D 130 6.00 -7.75 19.36
N ILE D 131 6.20 -7.66 18.05
CA ILE D 131 6.92 -8.69 17.32
C ILE D 131 7.52 -8.15 16.01
N SER D 132 8.67 -8.68 15.63
CA SER D 132 9.35 -8.27 14.42
C SER D 132 8.67 -8.87 13.19
N PRO D 133 8.66 -8.12 12.08
CA PRO D 133 8.10 -8.64 10.83
C PRO D 133 8.86 -9.86 10.34
N ASN D 134 10.17 -9.87 10.57
CA ASN D 134 11.00 -11.00 10.16
C ASN D 134 10.94 -12.16 11.15
N ALA D 135 10.23 -11.96 12.26
CA ALA D 135 10.04 -13.03 13.24
C ALA D 135 9.08 -14.06 12.67
N SER D 136 9.17 -15.28 13.20
CA SER D 136 8.37 -16.39 12.69
C SER D 136 6.89 -16.18 12.95
N LEU D 137 6.06 -16.83 12.15
CA LEU D 137 4.63 -16.84 12.36
C LEU D 137 4.31 -17.74 13.55
N PHE D 138 5.17 -18.72 13.77
CA PHE D 138 5.01 -19.63 14.90
C PHE D 138 5.12 -18.89 16.23
N ASP D 139 6.17 -18.09 16.36
CA ASP D 139 6.38 -17.32 17.59
C ASP D 139 5.30 -16.27 17.80
N ALA D 140 4.65 -15.88 16.71
CA ALA D 140 3.53 -14.94 16.78
C ALA D 140 2.35 -15.59 17.50
N VAL D 141 1.98 -16.78 17.03
CA VAL D 141 0.93 -17.56 17.66
C VAL D 141 1.35 -17.93 19.08
N SER D 142 2.63 -18.23 19.25
CA SER D 142 3.18 -18.53 20.56
C SER D 142 3.07 -17.33 21.48
N SER D 143 3.39 -16.14 20.96
CA SER D 143 3.30 -14.91 21.73
C SER D 143 1.87 -14.57 22.09
N LEU D 144 0.95 -14.86 21.17
CA LEU D 144 -0.48 -14.61 21.40
C LEU D 144 -1.00 -15.40 22.59
N ILE D 145 -0.65 -16.68 22.64
CA ILE D 145 -1.13 -17.58 23.68
C ILE D 145 -0.38 -17.39 24.99
N ARG D 146 0.94 -17.24 24.89
CA ARG D 146 1.79 -17.07 26.07
C ARG D 146 1.44 -15.79 26.83
N ASN D 147 1.05 -14.77 26.09
CA ASN D 147 0.72 -13.48 26.69
C ASN D 147 -0.78 -13.26 26.85
N LYS D 148 -1.57 -14.15 26.25
CA LYS D 148 -3.03 -14.09 26.32
C LYS D 148 -3.59 -12.74 25.85
N ILE D 149 -3.12 -12.30 24.69
CA ILE D 149 -3.56 -11.05 24.11
C ILE D 149 -4.10 -11.31 22.70
N HIS D 150 -5.16 -10.59 22.32
CA HIS D 150 -5.78 -10.76 21.02
C HIS D 150 -5.13 -9.90 19.96
N ARG D 151 -4.42 -8.86 20.38
CA ARG D 151 -3.70 -7.99 19.46
C ARG D 151 -2.20 -8.23 19.55
N LEU D 152 -1.48 -7.96 18.48
CA LEU D 152 -0.02 -8.11 18.48
C LEU D 152 0.62 -7.19 17.45
N PRO D 153 1.11 -6.03 17.91
CA PRO D 153 1.72 -5.02 17.05
C PRO D 153 2.99 -5.52 16.38
N VAL D 154 2.93 -5.74 15.07
CA VAL D 154 4.12 -6.12 14.31
C VAL D 154 4.98 -4.88 14.12
N ILE D 155 6.03 -4.75 14.92
CA ILE D 155 6.87 -3.56 14.89
C ILE D 155 8.23 -3.79 14.25
N ASP D 156 8.54 -2.94 13.27
CA ASP D 156 9.83 -2.92 12.61
C ASP D 156 10.91 -2.54 13.63
N PRO D 157 11.88 -3.45 13.85
CA PRO D 157 13.00 -3.24 14.79
C PRO D 157 13.83 -2.01 14.45
N GLU D 158 14.18 -1.84 13.17
CA GLU D 158 14.78 -0.60 12.72
C GLU D 158 13.66 0.36 12.42
N SER D 159 13.98 1.66 12.34
CA SER D 159 12.98 2.71 12.16
C SER D 159 11.99 2.84 13.32
N GLY D 160 11.59 1.70 13.90
CA GLY D 160 10.72 1.69 15.05
C GLY D 160 9.25 1.83 14.67
N ASN D 161 8.96 1.60 13.40
CA ASN D 161 7.60 1.74 12.88
C ASN D 161 6.71 0.54 13.20
N THR D 162 5.46 0.81 13.57
CA THR D 162 4.47 -0.26 13.69
C THR D 162 3.88 -0.47 12.30
N LEU D 163 3.82 -1.73 11.86
CA LEU D 163 3.40 -2.03 10.50
C LEU D 163 1.98 -2.56 10.44
N TYR D 164 1.56 -3.27 11.49
CA TYR D 164 0.27 -3.95 11.48
C TYR D 164 -0.02 -4.53 12.85
N ILE D 165 -1.30 -4.77 13.14
CA ILE D 165 -1.71 -5.39 14.39
C ILE D 165 -2.24 -6.80 14.14
N LEU D 166 -1.49 -7.80 14.61
CA LEU D 166 -1.81 -9.19 14.32
C LEU D 166 -2.91 -9.74 15.22
N THR D 167 -3.75 -10.59 14.65
CA THR D 167 -4.89 -11.17 15.36
C THR D 167 -5.01 -12.66 15.08
N HIS D 168 -5.69 -13.39 15.96
CA HIS D 168 -5.97 -14.80 15.75
C HIS D 168 -6.75 -14.98 14.46
N LYS D 169 -7.67 -14.06 14.21
CA LYS D 169 -8.50 -14.08 13.00
C LYS D 169 -7.65 -14.03 11.74
N ARG D 170 -6.66 -13.13 11.72
CA ARG D 170 -5.80 -12.95 10.57
C ARG D 170 -4.92 -14.16 10.33
N ILE D 171 -4.52 -14.82 11.42
CA ILE D 171 -3.63 -15.97 11.33
C ILE D 171 -4.32 -17.21 10.78
N LEU D 172 -5.49 -17.53 11.33
CA LEU D 172 -6.24 -18.70 10.89
C LEU D 172 -6.70 -18.56 9.45
N LYS D 173 -7.01 -17.33 9.03
CA LYS D 173 -7.41 -17.07 7.67
C LYS D 173 -6.27 -17.41 6.72
N PHE D 174 -5.09 -16.85 6.99
CA PHE D 174 -3.90 -17.10 6.20
C PHE D 174 -3.55 -18.59 6.21
N LEU D 175 -3.80 -19.23 7.34
CA LEU D 175 -3.56 -20.66 7.48
C LEU D 175 -4.48 -21.43 6.53
N LYS D 176 -5.76 -21.08 6.57
CA LYS D 176 -6.76 -21.67 5.68
C LYS D 176 -6.40 -21.38 4.23
N LEU D 177 -5.88 -20.19 3.98
CA LEU D 177 -5.59 -19.74 2.63
C LEU D 177 -4.41 -20.48 2.01
N PHE D 178 -3.29 -20.51 2.73
CA PHE D 178 -2.00 -20.92 2.16
C PHE D 178 -1.60 -22.37 2.45
N ILE D 179 -2.55 -23.31 2.39
CA ILE D 179 -2.18 -24.72 2.58
C ILE D 179 -3.01 -25.67 1.73
N THR D 180 -2.31 -26.59 1.08
CA THR D 180 -2.96 -27.68 0.38
C THR D 180 -3.27 -28.77 1.39
N GLU D 181 -4.51 -29.27 1.37
CA GLU D 181 -4.92 -30.31 2.30
C GLU D 181 -4.64 -31.71 1.77
N PHE D 182 -3.61 -31.81 0.92
CA PHE D 182 -3.12 -33.12 0.49
C PHE D 182 -2.38 -33.84 1.62
N PRO D 183 -1.52 -33.12 2.36
CA PRO D 183 -0.99 -33.77 3.57
C PRO D 183 -1.89 -33.53 4.78
N LYS D 184 -3.20 -33.61 4.58
CA LYS D 184 -4.16 -33.37 5.66
C LYS D 184 -3.94 -34.30 6.84
N PRO D 185 -3.77 -33.72 8.04
CA PRO D 185 -3.56 -34.46 9.28
C PRO D 185 -4.80 -35.26 9.67
N GLU D 186 -4.66 -36.11 10.70
CA GLU D 186 -5.77 -36.93 11.16
C GLU D 186 -6.84 -36.13 11.89
N PHE D 187 -6.42 -35.37 12.89
CA PHE D 187 -7.35 -34.71 13.80
C PHE D 187 -8.32 -33.75 13.12
N MET D 188 -7.98 -33.29 11.93
CA MET D 188 -8.86 -32.41 11.16
C MET D 188 -10.18 -33.09 10.82
N SER D 189 -10.15 -34.40 10.65
CA SER D 189 -11.34 -35.16 10.32
C SER D 189 -11.97 -35.80 11.56
N LYS D 190 -11.51 -35.37 12.73
CA LYS D 190 -12.03 -35.89 13.98
C LYS D 190 -12.91 -34.86 14.68
N SER D 191 -13.87 -35.34 15.48
CA SER D 191 -14.83 -34.46 16.14
C SER D 191 -14.22 -33.70 17.32
N LEU D 192 -14.99 -32.76 17.86
CA LEU D 192 -14.54 -31.95 18.98
C LEU D 192 -14.59 -32.68 20.30
N GLU D 193 -15.59 -33.56 20.44
CA GLU D 193 -15.78 -34.34 21.67
C GLU D 193 -14.54 -35.14 22.01
N GLU D 194 -13.92 -35.72 20.99
CA GLU D 194 -12.72 -36.53 21.17
C GLU D 194 -11.46 -35.68 21.19
N LEU D 195 -11.46 -34.61 20.39
CA LEU D 195 -10.31 -33.71 20.33
C LEU D 195 -10.19 -32.89 21.60
N GLN D 196 -11.30 -32.74 22.30
CA GLN D 196 -11.36 -31.95 23.54
C GLN D 196 -10.78 -30.55 23.37
N ILE D 197 -11.37 -29.79 22.45
CA ILE D 197 -10.96 -28.41 22.22
C ILE D 197 -12.07 -27.46 22.61
N GLY D 198 -11.77 -26.52 23.49
CA GLY D 198 -12.74 -25.51 23.89
C GLY D 198 -13.03 -25.46 25.37
N THR D 199 -13.87 -24.51 25.77
CA THR D 199 -14.24 -24.34 27.16
C THR D 199 -15.68 -24.80 27.41
N TYR D 200 -15.86 -25.65 28.42
CA TYR D 200 -17.15 -26.25 28.68
C TYR D 200 -17.57 -26.15 30.14
N ALA D 201 -16.73 -25.51 30.94
CA ALA D 201 -17.04 -25.30 32.36
C ALA D 201 -17.13 -23.82 32.68
N ASN D 202 -18.13 -23.45 33.47
CA ASN D 202 -18.34 -22.08 33.90
C ASN D 202 -18.41 -21.10 32.73
N ILE D 203 -19.34 -21.34 31.81
CA ILE D 203 -19.51 -20.48 30.66
C ILE D 203 -20.16 -19.16 31.05
N ALA D 204 -19.41 -18.07 30.91
CA ALA D 204 -19.93 -16.75 31.19
C ALA D 204 -20.88 -16.32 30.09
N MET D 205 -22.11 -16.00 30.46
CA MET D 205 -23.14 -15.64 29.50
C MET D 205 -24.16 -14.73 30.17
N VAL D 206 -24.97 -14.06 29.37
CA VAL D 206 -25.98 -13.15 29.91
C VAL D 206 -27.38 -13.54 29.47
N ARG D 207 -28.38 -13.15 30.25
CA ARG D 207 -29.77 -13.38 29.86
C ARG D 207 -30.20 -12.32 28.85
N THR D 208 -31.35 -12.52 28.24
CA THR D 208 -31.89 -11.58 27.25
C THR D 208 -32.12 -10.22 27.90
N THR D 209 -32.57 -10.26 29.16
CA THR D 209 -32.97 -9.06 29.88
C THR D 209 -31.83 -8.39 30.62
N THR D 210 -30.67 -9.05 30.64
CA THR D 210 -29.51 -8.58 31.41
C THR D 210 -29.06 -7.17 31.01
N PRO D 211 -28.94 -6.27 32.01
CA PRO D 211 -28.45 -4.90 31.81
C PRO D 211 -27.05 -4.89 31.20
N VAL D 212 -26.79 -3.93 30.31
CA VAL D 212 -25.50 -3.80 29.66
C VAL D 212 -24.35 -3.66 30.68
N TYR D 213 -24.60 -2.85 31.71
CA TYR D 213 -23.61 -2.63 32.77
C TYR D 213 -23.16 -3.93 33.42
N VAL D 214 -24.13 -4.80 33.71
CA VAL D 214 -23.85 -6.10 34.31
C VAL D 214 -23.00 -6.95 33.37
N ALA D 215 -23.23 -6.80 32.07
CA ALA D 215 -22.49 -7.53 31.06
C ALA D 215 -21.02 -7.09 31.04
N LEU D 216 -20.79 -5.81 31.27
CA LEU D 216 -19.44 -5.26 31.30
C LEU D 216 -18.67 -5.80 32.51
N GLY D 217 -19.37 -5.95 33.63
CA GLY D 217 -18.77 -6.48 34.84
C GLY D 217 -18.31 -7.90 34.65
N ILE D 218 -19.08 -8.65 33.86
CA ILE D 218 -18.70 -10.00 33.50
C ILE D 218 -17.46 -9.96 32.63
N PHE D 219 -17.43 -9.01 31.70
CA PHE D 219 -16.30 -8.81 30.80
C PHE D 219 -15.01 -8.47 31.56
N VAL D 220 -15.16 -7.85 32.73
CA VAL D 220 -14.01 -7.42 33.52
C VAL D 220 -13.41 -8.56 34.33
N GLN D 221 -14.25 -9.32 35.00
CA GLN D 221 -13.76 -10.38 35.89
C GLN D 221 -13.44 -11.69 35.16
N HIS D 222 -14.20 -11.99 34.11
CA HIS D 222 -13.96 -13.22 33.34
C HIS D 222 -12.98 -12.99 32.20
N ARG D 223 -12.91 -11.76 31.72
CA ARG D 223 -11.98 -11.37 30.66
C ARG D 223 -12.11 -12.24 29.41
N VAL D 224 -13.35 -12.45 28.97
CA VAL D 224 -13.62 -13.22 27.76
C VAL D 224 -14.01 -12.29 26.61
N SER D 225 -13.90 -12.78 25.39
CA SER D 225 -14.09 -11.95 24.21
C SER D 225 -15.56 -11.71 23.86
N ALA D 226 -16.45 -12.53 24.42
CA ALA D 226 -17.88 -12.40 24.14
C ALA D 226 -18.76 -13.08 25.19
N LEU D 227 -20.03 -12.70 25.20
CA LEU D 227 -21.00 -13.27 26.12
C LEU D 227 -22.26 -13.68 25.39
N PRO D 228 -22.45 -15.00 25.18
CA PRO D 228 -23.65 -15.51 24.52
C PRO D 228 -24.93 -15.14 25.27
N VAL D 229 -25.91 -14.61 24.56
CA VAL D 229 -27.17 -14.22 25.18
C VAL D 229 -28.14 -15.39 25.22
N VAL D 230 -28.51 -15.80 26.42
CA VAL D 230 -29.40 -16.94 26.59
C VAL D 230 -30.80 -16.51 27.02
N ASP D 231 -31.79 -17.32 26.70
CA ASP D 231 -33.14 -17.07 27.16
C ASP D 231 -33.35 -17.64 28.56
N GLU D 232 -34.61 -17.77 28.96
CA GLU D 232 -34.93 -18.30 30.27
C GLU D 232 -34.64 -19.79 30.34
N LYS D 233 -34.57 -20.43 29.17
CA LYS D 233 -34.34 -21.87 29.10
C LYS D 233 -32.85 -22.17 29.00
N GLY D 234 -32.04 -21.12 28.94
CA GLY D 234 -30.61 -21.28 28.79
C GLY D 234 -30.22 -21.60 27.37
N ARG D 235 -31.01 -21.11 26.43
CA ARG D 235 -30.76 -21.34 25.00
C ARG D 235 -30.29 -20.05 24.35
N VAL D 236 -29.28 -20.16 23.50
CA VAL D 236 -28.68 -18.98 22.86
C VAL D 236 -29.59 -18.39 21.77
N VAL D 237 -29.79 -17.08 21.83
CA VAL D 237 -30.59 -16.37 20.85
C VAL D 237 -29.83 -15.20 20.22
N ASP D 238 -28.73 -14.82 20.87
CA ASP D 238 -27.84 -13.79 20.34
C ASP D 238 -26.49 -13.84 21.04
N ILE D 239 -25.61 -12.90 20.70
CA ILE D 239 -24.29 -12.85 21.31
C ILE D 239 -23.78 -11.41 21.45
N TYR D 240 -23.32 -11.06 22.65
CA TYR D 240 -22.78 -9.73 22.90
C TYR D 240 -21.26 -9.78 22.98
N SER D 241 -20.61 -9.58 21.85
CA SER D 241 -19.16 -9.56 21.79
C SER D 241 -18.64 -8.23 22.32
N LYS D 242 -17.36 -8.21 22.68
CA LYS D 242 -16.72 -6.98 23.13
C LYS D 242 -16.77 -5.91 22.05
N PHE D 243 -16.81 -6.36 20.80
CA PHE D 243 -16.84 -5.45 19.67
C PHE D 243 -18.13 -4.64 19.62
N ASP D 244 -19.23 -5.25 20.06
CA ASP D 244 -20.53 -4.58 19.98
C ASP D 244 -20.70 -3.49 21.04
N VAL D 245 -19.63 -3.19 21.75
CA VAL D 245 -19.67 -2.19 22.80
C VAL D 245 -19.44 -0.78 22.25
N ILE D 246 -18.62 -0.65 21.20
CA ILE D 246 -18.38 0.65 20.60
C ILE D 246 -19.61 1.23 19.92
N ASN D 247 -20.64 0.41 19.76
CA ASN D 247 -21.92 0.90 19.26
C ASN D 247 -22.48 1.95 20.21
N LEU D 248 -22.15 1.79 21.49
CA LEU D 248 -22.54 2.74 22.52
C LEU D 248 -21.73 4.02 22.33
N ALA D 249 -20.56 3.89 21.71
CA ALA D 249 -19.71 5.03 21.41
C ALA D 249 -20.03 5.58 20.03
N ALA D 250 -20.55 4.72 19.16
CA ALA D 250 -20.90 5.11 17.80
C ALA D 250 -22.19 5.92 17.80
N GLU D 251 -23.14 5.51 18.62
CA GLU D 251 -24.44 6.17 18.69
C GLU D 251 -24.52 7.13 19.87
N LYS D 252 -23.42 7.26 20.61
CA LYS D 252 -23.35 8.10 21.80
C LYS D 252 -24.42 7.75 22.84
N THR D 253 -24.80 6.48 22.86
CA THR D 253 -25.79 5.98 23.82
C THR D 253 -25.10 5.30 25.00
N TYR D 254 -23.87 5.73 25.27
CA TYR D 254 -23.03 5.09 26.28
C TYR D 254 -23.36 5.52 27.70
N ASN D 255 -24.30 6.47 27.83
CA ASN D 255 -24.61 7.02 29.15
C ASN D 255 -25.76 6.30 29.86
N ASN D 256 -26.54 5.53 29.11
CA ASN D 256 -27.59 4.71 29.68
C ASN D 256 -27.24 3.23 29.56
N LEU D 257 -26.60 2.71 30.60
CA LEU D 257 -26.19 1.31 30.62
C LEU D 257 -27.24 0.44 31.30
N ASP D 258 -28.33 1.07 31.74
CA ASP D 258 -29.40 0.35 32.41
C ASP D 258 -30.12 -0.60 31.44
N VAL D 259 -30.10 -0.25 30.16
CA VAL D 259 -30.83 -1.01 29.15
C VAL D 259 -30.30 -2.44 29.02
N SER D 260 -31.11 -3.31 28.43
CA SER D 260 -30.74 -4.71 28.30
C SER D 260 -29.70 -4.90 27.22
N VAL D 261 -29.14 -6.10 27.16
CA VAL D 261 -28.19 -6.43 26.11
C VAL D 261 -28.91 -6.52 24.76
N THR D 262 -30.09 -7.13 24.77
CA THR D 262 -30.86 -7.33 23.54
C THR D 262 -31.33 -6.03 22.92
N LYS D 263 -31.46 -4.99 23.74
CA LYS D 263 -31.82 -3.67 23.23
C LYS D 263 -30.57 -2.97 22.71
N ALA D 264 -29.43 -3.26 23.32
CA ALA D 264 -28.16 -2.67 22.91
C ALA D 264 -27.62 -3.37 21.66
N LEU D 265 -28.27 -4.46 21.26
CA LEU D 265 -27.90 -5.19 20.06
C LEU D 265 -28.93 -5.00 18.96
N GLN D 266 -29.87 -4.10 19.18
CA GLN D 266 -30.93 -3.83 18.21
C GLN D 266 -30.41 -3.08 17.00
N HIS D 267 -29.23 -2.47 17.13
CA HIS D 267 -28.70 -1.63 16.05
C HIS D 267 -28.39 -2.41 14.78
N ARG D 268 -28.15 -3.71 14.92
CA ARG D 268 -27.99 -4.57 13.75
C ARG D 268 -29.33 -5.20 13.36
N SER D 269 -30.12 -5.57 14.36
CA SER D 269 -31.50 -6.01 14.17
C SER D 269 -31.65 -7.14 13.15
N HIS D 270 -32.49 -6.89 12.14
CA HIS D 270 -32.80 -7.86 11.11
C HIS D 270 -31.59 -8.18 10.23
N TYR D 271 -30.55 -7.35 10.34
CA TYR D 271 -29.37 -7.50 9.52
C TYR D 271 -28.24 -8.20 10.27
N PHE D 272 -28.49 -9.41 10.76
CA PHE D 272 -27.49 -10.16 11.53
C PHE D 272 -27.56 -11.66 11.29
N GLU D 273 -28.60 -12.10 10.60
CA GLU D 273 -28.72 -13.46 10.05
C GLU D 273 -28.57 -14.65 11.01
N GLY D 274 -28.40 -14.38 12.30
CA GLY D 274 -28.36 -15.44 13.28
C GLY D 274 -27.03 -15.66 13.96
N VAL D 275 -27.07 -16.37 15.09
CA VAL D 275 -25.87 -16.66 15.87
C VAL D 275 -25.14 -17.91 15.33
N LEU D 276 -23.84 -17.75 15.10
CA LEU D 276 -23.02 -18.85 14.57
C LEU D 276 -22.69 -19.90 15.63
N LYS D 277 -23.17 -21.12 15.40
CA LYS D 277 -23.00 -22.20 16.37
C LYS D 277 -22.19 -23.36 15.77
N CYS D 278 -22.04 -24.41 16.55
CA CYS D 278 -21.45 -25.66 16.08
C CYS D 278 -21.82 -26.82 17.01
N TYR D 279 -21.56 -28.04 16.57
CA TYR D 279 -21.88 -29.22 17.38
C TYR D 279 -20.62 -30.00 17.76
N LEU D 280 -20.77 -30.92 18.70
CA LEU D 280 -19.65 -31.73 19.18
C LEU D 280 -19.31 -32.84 18.20
N HIS D 281 -20.29 -33.23 17.38
CA HIS D 281 -20.14 -34.38 16.51
C HIS D 281 -19.57 -34.05 15.13
N GLU D 282 -19.41 -32.76 14.84
CA GLU D 282 -18.84 -32.36 13.55
C GLU D 282 -17.33 -32.13 13.64
N THR D 283 -16.65 -32.43 12.54
CA THR D 283 -15.18 -32.45 12.52
C THR D 283 -14.55 -31.10 12.84
N LEU D 284 -13.26 -31.13 13.15
CA LEU D 284 -12.51 -29.92 13.45
C LEU D 284 -12.36 -29.05 12.21
N GLU D 285 -12.20 -29.70 11.06
CA GLU D 285 -12.12 -28.99 9.79
C GLU D 285 -13.41 -28.27 9.48
N ALA D 286 -14.53 -28.93 9.77
CA ALA D 286 -15.84 -28.33 9.60
C ALA D 286 -15.95 -27.05 10.41
N ILE D 287 -15.47 -27.09 11.65
CA ILE D 287 -15.51 -25.94 12.52
C ILE D 287 -14.61 -24.81 12.02
N ILE D 288 -13.38 -25.18 11.63
CA ILE D 288 -12.41 -24.19 11.15
C ILE D 288 -12.89 -23.50 9.88
N ASN D 289 -13.33 -24.28 8.90
CA ASN D 289 -13.83 -23.73 7.66
C ASN D 289 -14.99 -22.76 7.90
N ARG D 290 -15.95 -23.19 8.72
CA ARG D 290 -17.10 -22.36 9.06
C ARG D 290 -16.67 -21.08 9.78
N LEU D 291 -15.54 -21.15 10.47
CA LEU D 291 -15.09 -20.05 11.31
C LEU D 291 -14.36 -18.97 10.52
N VAL D 292 -13.79 -19.33 9.38
CA VAL D 292 -13.08 -18.35 8.56
C VAL D 292 -13.99 -17.73 7.50
N GLU D 293 -15.08 -18.43 7.16
CA GLU D 293 -16.06 -17.88 6.23
C GLU D 293 -16.87 -16.79 6.93
N ALA D 294 -17.02 -16.94 8.24
CA ALA D 294 -17.82 -16.02 9.03
C ALA D 294 -17.04 -14.79 9.47
N GLU D 295 -15.71 -14.89 9.44
CA GLU D 295 -14.83 -13.82 9.93
C GLU D 295 -15.17 -13.44 11.36
N VAL D 296 -15.47 -14.46 12.16
CA VAL D 296 -15.88 -14.26 13.55
C VAL D 296 -14.87 -14.94 14.48
N HIS D 297 -14.74 -14.44 15.71
CA HIS D 297 -13.72 -14.94 16.63
C HIS D 297 -14.04 -16.29 17.25
N ARG D 298 -15.28 -16.50 17.68
CA ARG D 298 -15.63 -17.76 18.34
C ARG D 298 -16.97 -18.33 17.90
N LEU D 299 -17.12 -19.64 18.06
CA LEU D 299 -18.39 -20.31 17.79
C LEU D 299 -19.02 -20.79 19.10
N VAL D 300 -20.34 -20.72 19.18
CA VAL D 300 -21.04 -21.17 20.37
C VAL D 300 -21.43 -22.64 20.23
N VAL D 301 -20.79 -23.50 21.02
CA VAL D 301 -21.12 -24.92 21.00
C VAL D 301 -22.52 -25.11 21.57
N VAL D 302 -23.31 -25.94 20.91
CA VAL D 302 -24.73 -26.04 21.22
C VAL D 302 -25.26 -27.45 20.91
N ASP D 303 -26.27 -27.89 21.65
CA ASP D 303 -26.85 -29.21 21.44
C ASP D 303 -28.07 -29.12 20.52
N GLU D 304 -28.87 -30.19 20.49
CA GLU D 304 -30.04 -30.25 19.63
C GLU D 304 -31.02 -29.13 19.94
N HIS D 305 -31.17 -28.81 21.21
CA HIS D 305 -32.17 -27.86 21.65
C HIS D 305 -31.63 -26.44 21.77
N ASP D 306 -30.51 -26.18 21.10
CA ASP D 306 -29.87 -24.85 21.08
C ASP D 306 -29.41 -24.37 22.45
N VAL D 307 -29.34 -25.28 23.42
CA VAL D 307 -28.82 -24.93 24.73
C VAL D 307 -27.31 -24.86 24.68
N VAL D 308 -26.75 -23.69 25.00
CA VAL D 308 -25.30 -23.50 24.97
C VAL D 308 -24.59 -24.41 25.97
N LYS D 309 -23.63 -25.19 25.48
CA LYS D 309 -22.91 -26.12 26.32
C LYS D 309 -21.40 -25.89 26.29
N GLY D 310 -20.96 -24.99 25.42
CA GLY D 310 -19.54 -24.69 25.32
C GLY D 310 -19.23 -23.56 24.35
N ILE D 311 -17.95 -23.21 24.26
CA ILE D 311 -17.50 -22.15 23.37
C ILE D 311 -16.14 -22.49 22.77
N VAL D 312 -16.09 -22.64 21.45
CA VAL D 312 -14.83 -22.88 20.77
C VAL D 312 -14.33 -21.60 20.10
N SER D 313 -13.27 -21.02 20.66
CA SER D 313 -12.74 -19.75 20.20
C SER D 313 -11.52 -19.95 19.32
N LEU D 314 -11.10 -18.88 18.65
CA LEU D 314 -9.89 -18.89 17.84
C LEU D 314 -8.68 -19.10 18.74
N SER D 315 -8.82 -18.74 20.00
CA SER D 315 -7.78 -18.98 20.99
C SER D 315 -7.58 -20.48 21.20
N ASP D 316 -8.68 -21.21 21.27
CA ASP D 316 -8.64 -22.66 21.49
C ASP D 316 -8.08 -23.39 20.27
N ILE D 317 -8.49 -22.98 19.08
CA ILE D 317 -8.08 -23.63 17.85
C ILE D 317 -6.59 -23.47 17.58
N LEU D 318 -6.12 -22.23 17.61
CA LEU D 318 -4.71 -21.95 17.35
C LEU D 318 -3.80 -22.57 18.40
N GLN D 319 -4.34 -22.84 19.59
CA GLN D 319 -3.57 -23.51 20.62
C GLN D 319 -3.38 -24.98 20.26
N ALA D 320 -4.36 -25.54 19.55
CA ALA D 320 -4.32 -26.94 19.14
C ALA D 320 -3.52 -27.11 17.85
N LEU D 321 -2.93 -26.04 17.37
CA LEU D 321 -2.13 -26.09 16.16
C LEU D 321 -0.65 -25.83 16.46
N VAL D 322 -0.38 -24.97 17.44
CA VAL D 322 0.96 -24.79 17.94
C VAL D 322 1.32 -25.99 18.81
N LEU D 323 0.34 -26.46 19.59
CA LEU D 323 0.47 -27.65 20.40
C LEU D 323 -0.59 -28.64 19.94
N THR D 324 -0.19 -29.53 19.04
CA THR D 324 -1.13 -30.45 18.39
C THR D 324 -1.75 -31.46 19.36
#